data_4CTO
#
_entry.id   4CTO
#
_cell.length_a   128.040
_cell.length_b   128.040
_cell.length_c   115.770
_cell.angle_alpha   90.00
_cell.angle_beta   90.00
_cell.angle_gamma   90.00
#
_symmetry.space_group_name_H-M   'P 43 21 2'
#
loop_
_entity.id
_entity.type
_entity.pdbx_description
1 polymer 'GLYCOGEN PHOSPHORYLASE, MUSCLE FORM'
2 non-polymer N-[(2Z,5R,7R,8S,9S,10R)-8,9,10-trihydroxy-7-(hydroxymethyl)-4-oxo-6-oxa-1-thia-3-azaspiro[4.5]dec-2-ylidene]benzamide
3 non-polymer "PYRIDOXAL-5'-PHOSPHATE"
4 non-polymer 'PHOSPHATE ION'
5 water water
#
_entity_poly.entity_id   1
_entity_poly.type   'polypeptide(L)'
_entity_poly.pdbx_seq_one_letter_code
;MSRPLSDQEKRKQISVRGLAGVENVTELKKNFNRHLHFTLVKDRNVATPRDYYFALAHTVRDHLVGRWIRTQQHYYEKDP
KRIYYLSLEFYMGRTLQNTMVNLALENACDEATYQLGLDMEELEEIEEDAGLGNGGLGRLAACFLDSMATLGLAAYGYGI
RYEFGIFNQKICGGWQMEEADDWLRYGNPWEKARPEFTLPVHFYGRVEHTSQGAKWVDTQVVLAMPYDTPVPGYRNNVVN
TMRLWSAKAPNDFNLKDFNVGGYIQAVLDRNLAENISRVLYPNDNFFEGKELRLKQEYFVVAATLQDIIRRFKSSKFGCR
DPVRTNFDAFPDKVAIQLNDTHPSLAIPELMRVLVDLERLDWDKAWEVTVKTCAYTNHTVLPEALERWPVHLLETLLPRH
LQIIYEINQRFLNRVAAAFPGDVDRLRRMSLVEEGAVKRINMAHLCIAGSHAVNGVARIHSEILKKTIFKDFYELEPHKF
QNKTNGITPRRWLVLCNPGLAEIIAERIGEEYISDLDQLRKLLSYVDDEAFIRDVAKVKQENKLKFAAYLEREYKVHINP
NSLFDVQVKRIHEYKRQLLNCLHVITLYNRIKKEPNKFVVPRTVMIGGKAAPGYHMAKMIIKLITAIGDVVNHDPVVGDR
LRVIFLENYRVSLAEKVIPAADLSEQISTAGTEASGTGNMKFMLNGALTIGTMDGANVEMAEEAGEENFFIFGMRVEDVD
RLDQRGYNAQEYYDRIPELRQIIEQLSSGFFSPKQPDLFKDIVNMLMHHDRFKVFADYEEYVKCQERVSALYKNPREWTR
MVIRNIATSGKFSSDRTIAQYAREIWGVEPSRQRLPAPDEKIP
;
_entity_poly.pdbx_strand_id   A
#
loop_
_chem_comp.id
_chem_comp.type
_chem_comp.name
_chem_comp.formula
M7C non-polymer N-[(2Z,5R,7R,8S,9S,10R)-8,9,10-trihydroxy-7-(hydroxymethyl)-4-oxo-6-oxa-1-thia-3-azaspiro[4.5]dec-2-ylidene]benzamide 'C15 H16 N2 O7 S'
PLP non-polymer PYRIDOXAL-5'-PHOSPHATE 'C8 H10 N O6 P'
PO4 non-polymer 'PHOSPHATE ION' 'O4 P -3'
#
# COMPACT_ATOMS: atom_id res chain seq x y z
N GLN A 13 -25.68 16.30 8.89
CA GLN A 13 -25.51 17.45 7.95
C GLN A 13 -25.75 17.01 6.50
N ILE A 14 -24.97 16.05 6.02
CA ILE A 14 -25.12 15.52 4.66
C ILE A 14 -25.58 14.04 4.68
N SER A 15 -26.35 13.67 3.66
CA SER A 15 -27.07 12.39 3.65
C SER A 15 -26.18 11.15 3.79
N VAL A 16 -25.10 11.08 3.02
CA VAL A 16 -24.24 9.87 3.00
C VAL A 16 -23.60 9.54 4.36
N ARG A 17 -23.57 10.50 5.27
CA ARG A 17 -23.02 10.29 6.61
C ARG A 17 -24.01 9.67 7.62
N GLY A 18 -25.20 9.28 7.15
CA GLY A 18 -26.17 8.54 7.98
C GLY A 18 -27.13 9.42 8.78
N LEU A 19 -28.02 8.76 9.53
CA LEU A 19 -29.02 9.45 10.34
C LEU A 19 -28.48 9.89 11.70
N ALA A 20 -28.95 11.04 12.18
CA ALA A 20 -28.69 11.49 13.54
C ALA A 20 -29.99 11.45 14.35
N GLY A 21 -30.43 10.24 14.68
CA GLY A 21 -31.66 10.04 15.47
C GLY A 21 -31.53 10.49 16.91
N VAL A 22 -32.65 10.87 17.51
CA VAL A 22 -32.68 11.42 18.87
C VAL A 22 -32.11 10.44 19.90
N GLU A 23 -32.56 9.19 19.83
CA GLU A 23 -32.13 8.17 20.78
C GLU A 23 -30.64 7.85 20.63
N ASN A 24 -30.20 7.59 19.40
CA ASN A 24 -28.79 7.29 19.14
C ASN A 24 -27.86 8.41 19.62
N VAL A 25 -28.23 9.66 19.34
CA VAL A 25 -27.43 10.81 19.79
C VAL A 25 -27.40 10.87 21.32
N THR A 26 -28.55 10.64 21.95
CA THR A 26 -28.65 10.62 23.40
C THR A 26 -27.76 9.53 23.99
N GLU A 27 -27.86 8.33 23.42
CA GLU A 27 -27.10 7.17 23.88
C GLU A 27 -25.59 7.33 23.67
N LEU A 28 -25.19 7.92 22.54
CA LEU A 28 -23.79 8.21 22.28
C LEU A 28 -23.22 9.22 23.29
N LYS A 29 -24.01 10.23 23.63
CA LYS A 29 -23.57 11.25 24.57
C LYS A 29 -23.31 10.68 25.97
N LYS A 30 -24.20 9.82 26.43
CA LYS A 30 -24.05 9.24 27.77
C LYS A 30 -22.92 8.20 27.81
N ASN A 31 -22.75 7.43 26.74
CA ASN A 31 -21.65 6.47 26.67
C ASN A 31 -20.30 7.18 26.57
N PHE A 32 -20.26 8.31 25.88
CA PHE A 32 -19.08 9.17 25.84
C PHE A 32 -18.68 9.66 27.24
N ASN A 33 -19.68 10.15 27.99
CA ASN A 33 -19.44 10.60 29.35
C ASN A 33 -19.05 9.46 30.27
N ARG A 34 -19.65 8.29 30.05
CA ARG A 34 -19.28 7.08 30.80
C ARG A 34 -17.81 6.73 30.60
N HIS A 35 -17.34 6.74 29.35
CA HIS A 35 -15.94 6.39 29.09
C HIS A 35 -14.98 7.43 29.62
N LEU A 36 -15.34 8.70 29.49
CA LEU A 36 -14.51 9.79 30.02
C LEU A 36 -14.30 9.61 31.52
N HIS A 37 -15.36 9.19 32.20
CA HIS A 37 -15.35 9.02 33.66
C HIS A 37 -14.67 7.71 34.05
N PHE A 38 -15.23 6.59 33.60
CA PHE A 38 -14.78 5.28 34.08
C PHE A 38 -13.53 4.75 33.36
N THR A 39 -13.38 5.07 32.08
CA THR A 39 -12.30 4.49 31.27
C THR A 39 -11.06 5.37 31.32
N LEU A 40 -11.26 6.67 31.16
CA LEU A 40 -10.14 7.60 31.15
C LEU A 40 -9.87 8.20 32.52
N VAL A 41 -10.80 8.03 33.46
CA VAL A 41 -10.63 8.54 34.83
C VAL A 41 -10.32 10.03 34.82
N LYS A 42 -11.24 10.78 34.20
CA LYS A 42 -11.15 12.23 34.10
C LYS A 42 -12.54 12.82 34.29
N ASP A 43 -12.60 14.13 34.55
CA ASP A 43 -13.84 14.89 34.36
C ASP A 43 -13.57 16.03 33.39
N ARG A 44 -14.63 16.73 32.99
CA ARG A 44 -14.54 17.77 31.94
C ARG A 44 -13.57 18.90 32.27
N ASN A 45 -13.26 19.10 33.55
CA ASN A 45 -12.37 20.19 33.96
C ASN A 45 -10.90 19.95 33.64
N VAL A 46 -10.45 18.70 33.75
CA VAL A 46 -9.04 18.37 33.51
C VAL A 46 -8.85 17.50 32.26
N ALA A 47 -9.91 17.35 31.46
CA ALA A 47 -9.85 16.49 30.28
C ALA A 47 -9.10 17.19 29.15
N THR A 48 -8.06 16.52 28.66
CA THR A 48 -7.27 17.02 27.54
C THR A 48 -8.01 16.69 26.23
N PRO A 49 -7.70 17.41 25.14
CA PRO A 49 -8.32 17.07 23.86
C PRO A 49 -8.13 15.60 23.45
N ARG A 50 -6.99 15.03 23.82
CA ARG A 50 -6.69 13.62 23.56
C ARG A 50 -7.62 12.69 24.35
N ASP A 51 -7.95 13.08 25.59
CA ASP A 51 -8.93 12.35 26.39
C ASP A 51 -10.28 12.28 25.68
N TYR A 52 -10.69 13.38 25.06
CA TYR A 52 -11.95 13.42 24.32
C TYR A 52 -11.91 12.50 23.11
N TYR A 53 -10.79 12.49 22.39
CA TYR A 53 -10.62 11.51 21.31
C TYR A 53 -10.81 10.07 21.81
N PHE A 54 -10.13 9.70 22.89
CA PHE A 54 -10.22 8.33 23.40
C PHE A 54 -11.64 7.97 23.86
N ALA A 55 -12.34 8.93 24.47
CA ALA A 55 -13.70 8.69 24.91
C ALA A 55 -14.58 8.38 23.70
N LEU A 56 -14.42 9.17 22.64
CA LEU A 56 -15.16 8.94 21.40
C LEU A 56 -14.78 7.58 20.81
N ALA A 57 -13.47 7.30 20.73
CA ALA A 57 -13.00 6.03 20.17
C ALA A 57 -13.59 4.83 20.91
N HIS A 58 -13.56 4.86 22.24
CA HIS A 58 -14.15 3.77 23.02
C HIS A 58 -15.65 3.65 22.81
N THR A 59 -16.32 4.78 22.68
CA THR A 59 -17.77 4.79 22.44
C THR A 59 -18.10 4.13 21.11
N VAL A 60 -17.35 4.47 20.06
CA VAL A 60 -17.57 3.89 18.73
C VAL A 60 -17.18 2.42 18.72
N ARG A 61 -16.08 2.10 19.39
CA ARG A 61 -15.62 0.72 19.53
C ARG A 61 -16.71 -0.16 20.14
N ASP A 62 -17.41 0.34 21.14
CA ASP A 62 -18.51 -0.42 21.77
C ASP A 62 -19.52 -0.93 20.74
N HIS A 63 -19.81 -0.13 19.73
CA HIS A 63 -20.76 -0.53 18.68
C HIS A 63 -20.23 -1.61 17.73
N LEU A 64 -18.92 -1.83 17.72
CA LEU A 64 -18.29 -2.89 16.92
C LEU A 64 -18.42 -4.26 17.58
N VAL A 65 -18.36 -4.27 18.91
CA VAL A 65 -18.14 -5.50 19.68
C VAL A 65 -19.19 -6.58 19.44
N GLY A 66 -20.47 -6.19 19.53
CA GLY A 66 -21.55 -7.13 19.31
C GLY A 66 -21.45 -7.79 17.94
N ARG A 67 -21.25 -6.97 16.91
CA ARG A 67 -21.13 -7.47 15.55
C ARG A 67 -19.89 -8.34 15.38
N TRP A 68 -18.79 -7.95 16.03
CA TRP A 68 -17.54 -8.71 15.98
C TRP A 68 -17.73 -10.11 16.54
N ILE A 69 -18.29 -10.21 17.74
CA ILE A 69 -18.57 -11.50 18.38
C ILE A 69 -19.52 -12.34 17.51
N ARG A 70 -20.58 -11.70 17.02
CA ARG A 70 -21.61 -12.38 16.21
C ARG A 70 -21.03 -12.91 14.90
N THR A 71 -20.21 -12.10 14.25
CA THR A 71 -19.58 -12.53 13.00
C THR A 71 -18.74 -13.78 13.21
N GLN A 72 -17.87 -13.74 14.22
CA GLN A 72 -16.95 -14.85 14.45
C GLN A 72 -17.67 -16.13 14.89
N GLN A 73 -18.73 -15.99 15.70
CA GLN A 73 -19.52 -17.17 16.07
C GLN A 73 -20.30 -17.68 14.85
N HIS A 74 -20.76 -16.78 13.99
CA HIS A 74 -21.38 -17.18 12.72
C HIS A 74 -20.43 -18.04 11.88
N TYR A 75 -19.17 -17.63 11.75
CA TYR A 75 -18.19 -18.43 11.01
C TYR A 75 -17.94 -19.78 11.66
N TYR A 76 -17.95 -19.82 12.99
CA TYR A 76 -17.77 -21.08 13.70
C TYR A 76 -18.93 -22.05 13.42
N GLU A 77 -20.15 -21.54 13.34
CA GLU A 77 -21.34 -22.35 13.11
C GLU A 77 -21.47 -22.83 11.67
N LYS A 78 -21.33 -21.90 10.72
CA LYS A 78 -21.45 -22.22 9.31
C LYS A 78 -20.21 -22.90 8.73
N ASP A 79 -19.05 -22.65 9.32
CA ASP A 79 -17.79 -23.24 8.88
C ASP A 79 -17.49 -23.02 7.39
N PRO A 80 -17.49 -21.75 6.95
CA PRO A 80 -17.14 -21.48 5.55
C PRO A 80 -15.65 -21.69 5.32
N LYS A 81 -15.24 -21.79 4.06
CA LYS A 81 -13.83 -21.77 3.73
C LYS A 81 -13.24 -20.44 4.20
N ARG A 82 -12.10 -20.51 4.89
CA ARG A 82 -11.50 -19.33 5.50
C ARG A 82 -10.40 -18.81 4.60
N ILE A 83 -10.33 -17.49 4.43
CA ILE A 83 -9.30 -16.85 3.64
C ILE A 83 -8.28 -16.19 4.57
N TYR A 84 -7.01 -16.54 4.41
CA TYR A 84 -5.94 -16.03 5.22
C TYR A 84 -4.98 -15.22 4.36
N TYR A 85 -4.93 -13.92 4.62
CA TYR A 85 -4.14 -12.99 3.83
C TYR A 85 -2.88 -12.65 4.64
N LEU A 86 -1.75 -13.22 4.24
CA LEU A 86 -0.50 -13.07 4.98
C LEU A 86 0.31 -11.94 4.38
N SER A 87 0.67 -10.97 5.19
CA SER A 87 1.43 -9.81 4.75
C SER A 87 2.35 -9.30 5.84
N LEU A 88 3.51 -8.78 5.43
CA LEU A 88 4.42 -8.15 6.37
C LEU A 88 4.03 -6.72 6.60
N GLU A 89 3.06 -6.23 5.83
CA GLU A 89 2.64 -4.83 5.89
C GLU A 89 1.12 -4.69 5.81
N PHE A 90 0.59 -3.84 6.68
CA PHE A 90 -0.82 -3.44 6.64
C PHE A 90 -0.84 -1.95 6.93
N TYR A 91 -1.01 -1.14 5.89
CA TYR A 91 -0.96 0.30 6.07
C TYR A 91 -2.38 0.81 6.30
N MET A 92 -2.82 0.77 7.55
CA MET A 92 -4.23 0.98 7.91
C MET A 92 -4.64 2.44 7.99
N GLY A 93 -3.71 3.31 8.37
CA GLY A 93 -4.04 4.71 8.64
C GLY A 93 -4.90 4.81 9.89
N ARG A 94 -5.74 5.83 9.96
CA ARG A 94 -6.64 6.01 11.11
C ARG A 94 -7.87 5.12 10.99
N THR A 95 -8.46 4.81 12.14
CA THR A 95 -9.57 3.87 12.26
C THR A 95 -10.90 4.52 12.67
N LEU A 96 -10.86 5.62 13.40
CA LEU A 96 -12.09 6.20 13.97
C LEU A 96 -13.12 6.49 12.90
N GLN A 97 -12.78 7.37 11.96
CA GLN A 97 -13.74 7.81 10.94
C GLN A 97 -14.18 6.64 10.08
N ASN A 98 -13.24 5.81 9.67
CA ASN A 98 -13.59 4.62 8.89
C ASN A 98 -14.61 3.74 9.58
N THR A 99 -14.47 3.58 10.90
CA THR A 99 -15.40 2.76 11.65
C THR A 99 -16.79 3.39 11.66
N MET A 100 -16.86 4.70 11.86
CA MET A 100 -18.13 5.42 11.86
C MET A 100 -18.82 5.32 10.51
N VAL A 101 -18.05 5.54 9.44
CA VAL A 101 -18.57 5.43 8.08
C VAL A 101 -19.19 4.05 7.84
N ASN A 102 -18.45 2.99 8.16
CA ASN A 102 -18.92 1.62 7.92
C ASN A 102 -20.08 1.17 8.84
N LEU A 103 -20.25 1.84 9.96
CA LEU A 103 -21.35 1.56 10.89
C LEU A 103 -22.50 2.57 10.75
N ALA A 104 -22.37 3.51 9.81
CA ALA A 104 -23.36 4.56 9.58
C ALA A 104 -23.61 5.43 10.82
N LEU A 105 -22.53 5.76 11.54
CA LEU A 105 -22.60 6.51 12.80
C LEU A 105 -22.02 7.93 12.70
N GLU A 106 -21.56 8.33 11.53
CA GLU A 106 -20.79 9.56 11.43
C GLU A 106 -21.59 10.82 11.82
N ASN A 107 -22.82 10.94 11.30
CA ASN A 107 -23.66 12.10 11.61
C ASN A 107 -24.11 12.09 13.06
N ALA A 108 -24.45 10.90 13.56
CA ALA A 108 -24.84 10.75 14.97
C ALA A 108 -23.72 11.17 15.91
N CYS A 109 -22.50 10.69 15.64
CA CYS A 109 -21.35 11.06 16.45
C CYS A 109 -21.00 12.55 16.31
N ASP A 110 -21.21 13.10 15.12
CA ASP A 110 -20.94 14.53 14.89
C ASP A 110 -21.90 15.37 15.72
N GLU A 111 -23.18 15.01 15.67
CA GLU A 111 -24.23 15.68 16.44
C GLU A 111 -23.97 15.55 17.94
N ALA A 112 -23.74 14.32 18.40
CA ALA A 112 -23.49 14.04 19.82
C ALA A 112 -22.33 14.87 20.37
N THR A 113 -21.21 14.89 19.64
CA THR A 113 -20.03 15.62 20.07
C THR A 113 -20.24 17.14 20.00
N TYR A 114 -20.97 17.59 18.97
CA TYR A 114 -21.34 19.00 18.86
C TYR A 114 -22.15 19.45 20.07
N GLN A 115 -23.11 18.62 20.49
CA GLN A 115 -23.94 18.92 21.67
C GLN A 115 -23.14 18.94 22.98
N LEU A 116 -22.00 18.26 23.00
CA LEU A 116 -21.11 18.29 24.16
C LEU A 116 -20.05 19.39 24.06
N GLY A 117 -20.14 20.24 23.03
CA GLY A 117 -19.24 21.36 22.85
C GLY A 117 -17.88 20.99 22.28
N LEU A 118 -17.86 19.96 21.44
CA LEU A 118 -16.61 19.47 20.85
C LEU A 118 -16.75 19.37 19.34
N ASP A 119 -15.64 19.62 18.64
CA ASP A 119 -15.58 19.48 17.19
C ASP A 119 -14.98 18.11 16.87
N MET A 120 -15.77 17.26 16.22
CA MET A 120 -15.35 15.89 15.97
C MET A 120 -14.14 15.80 15.04
N GLU A 121 -14.08 16.66 14.04
CA GLU A 121 -12.95 16.65 13.08
C GLU A 121 -11.63 16.96 13.78
N GLU A 122 -11.68 17.82 14.79
CA GLU A 122 -10.51 18.15 15.60
C GLU A 122 -10.05 16.93 16.42
N LEU A 123 -11.01 16.19 16.97
CA LEU A 123 -10.72 14.94 17.69
C LEU A 123 -10.13 13.87 16.77
N GLU A 124 -10.62 13.83 15.52
CA GLU A 124 -10.12 12.87 14.53
C GLU A 124 -8.63 13.08 14.21
N GLU A 125 -8.19 14.34 14.21
CA GLU A 125 -6.80 14.68 13.94
C GLU A 125 -5.82 14.21 15.00
N ILE A 126 -6.34 13.87 16.19
CA ILE A 126 -5.48 13.40 17.27
C ILE A 126 -5.05 11.94 17.07
N GLU A 127 -5.85 11.15 16.39
CA GLU A 127 -5.53 9.73 16.19
C GLU A 127 -4.24 9.59 15.36
N GLU A 128 -3.34 8.72 15.82
CA GLU A 128 -2.12 8.39 15.07
C GLU A 128 -2.48 7.46 13.92
N ASP A 129 -1.81 7.60 12.78
CA ASP A 129 -1.89 6.58 11.73
C ASP A 129 -1.32 5.26 12.24
N ALA A 130 -2.00 4.16 11.94
CA ALA A 130 -1.37 2.86 12.06
C ALA A 130 -0.53 2.69 10.79
N GLY A 131 0.74 3.08 10.89
CA GLY A 131 1.62 3.10 9.74
C GLY A 131 2.44 1.83 9.63
N LEU A 132 1.78 0.68 9.58
CA LEU A 132 2.50 -0.60 9.54
C LEU A 132 2.79 -1.04 8.11
N GLY A 133 3.15 -0.08 7.28
CA GLY A 133 3.49 -0.35 5.89
C GLY A 133 4.23 0.85 5.30
N ASN A 134 4.79 0.64 4.11
CA ASN A 134 5.63 1.63 3.45
C ASN A 134 4.88 2.45 2.43
N GLY A 135 3.92 1.82 1.75
CA GLY A 135 3.25 2.47 0.64
C GLY A 135 2.22 1.55 0.05
N GLY A 136 2.35 1.32 -1.27
CA GLY A 136 1.31 0.68 -2.07
C GLY A 136 1.01 -0.74 -1.68
N LEU A 137 2.04 -1.52 -1.39
CA LEU A 137 1.87 -2.92 -1.05
C LEU A 137 1.13 -3.05 0.28
N GLY A 138 1.55 -2.26 1.27
CA GLY A 138 0.90 -2.25 2.57
C GLY A 138 -0.52 -1.68 2.52
N ARG A 139 -0.71 -0.64 1.73
CA ARG A 139 -2.04 -0.04 1.63
C ARG A 139 -3.02 -0.93 0.87
N LEU A 140 -2.52 -1.70 -0.11
CA LEU A 140 -3.37 -2.66 -0.82
C LEU A 140 -3.94 -3.69 0.11
N ALA A 141 -3.12 -4.19 1.03
CA ALA A 141 -3.56 -5.12 2.04
C ALA A 141 -4.69 -4.49 2.87
N ALA A 142 -4.55 -3.22 3.20
CA ALA A 142 -5.57 -2.53 4.00
C ALA A 142 -6.89 -2.42 3.24
N CYS A 143 -6.84 -1.96 2.00
CA CYS A 143 -8.02 -1.87 1.15
C CYS A 143 -8.67 -3.23 0.98
N PHE A 144 -7.84 -4.26 0.78
CA PHE A 144 -8.32 -5.61 0.63
C PHE A 144 -9.10 -6.11 1.85
N LEU A 145 -8.61 -5.81 3.06
CA LEU A 145 -9.32 -6.23 4.26
C LEU A 145 -10.73 -5.62 4.30
N ASP A 146 -10.82 -4.34 3.94
CA ASP A 146 -12.08 -3.62 3.93
C ASP A 146 -13.08 -4.24 2.94
N SER A 147 -12.58 -4.59 1.76
CA SER A 147 -13.42 -5.21 0.72
C SER A 147 -13.83 -6.64 1.08
N MET A 148 -12.93 -7.39 1.70
CA MET A 148 -13.26 -8.76 2.10
C MET A 148 -14.40 -8.77 3.14
N ALA A 149 -14.37 -7.81 4.06
CA ALA A 149 -15.43 -7.66 5.06
C ALA A 149 -16.74 -7.19 4.43
N THR A 150 -16.62 -6.23 3.51
CA THR A 150 -17.77 -5.68 2.80
C THR A 150 -18.42 -6.73 1.89
N LEU A 151 -17.63 -7.69 1.43
CA LEU A 151 -18.14 -8.78 0.60
C LEU A 151 -18.45 -10.05 1.38
N GLY A 152 -18.44 -9.95 2.71
CA GLY A 152 -18.90 -11.04 3.56
C GLY A 152 -18.07 -12.31 3.52
N LEU A 153 -16.76 -12.18 3.25
CA LEU A 153 -15.87 -13.33 3.23
C LEU A 153 -15.31 -13.60 4.61
N ALA A 154 -15.15 -14.87 4.96
CA ALA A 154 -14.57 -15.26 6.23
C ALA A 154 -13.05 -15.11 6.13
N ALA A 155 -12.58 -13.86 6.23
CA ALA A 155 -11.20 -13.51 5.91
C ALA A 155 -10.46 -12.98 7.13
N TYR A 156 -9.19 -13.32 7.23
CA TYR A 156 -8.34 -12.90 8.35
C TYR A 156 -7.05 -12.33 7.78
N GLY A 157 -6.70 -11.12 8.19
CA GLY A 157 -5.40 -10.55 7.87
C GLY A 157 -4.44 -10.97 8.97
N TYR A 158 -3.25 -11.44 8.60
CA TYR A 158 -2.23 -11.87 9.55
C TYR A 158 -0.94 -11.14 9.26
N GLY A 159 -0.37 -10.52 10.28
CA GLY A 159 0.85 -9.75 10.15
C GLY A 159 1.60 -9.60 11.45
N ILE A 160 2.46 -8.60 11.49
CA ILE A 160 3.26 -8.32 12.66
C ILE A 160 2.80 -7.00 13.25
N ARG A 161 2.65 -6.98 14.57
CA ARG A 161 2.37 -5.75 15.29
C ARG A 161 3.69 -5.05 15.57
N TYR A 162 4.15 -4.24 14.63
CA TYR A 162 5.39 -3.50 14.82
C TYR A 162 5.19 -2.46 15.89
N GLU A 163 6.15 -2.37 16.81
CA GLU A 163 6.14 -1.33 17.82
C GLU A 163 6.38 0.03 17.16
N PHE A 164 7.24 0.03 16.14
CA PHE A 164 7.49 1.23 15.34
C PHE A 164 7.17 0.98 13.87
N GLY A 165 6.24 1.79 13.35
CA GLY A 165 5.85 1.71 11.95
C GLY A 165 6.79 2.51 11.08
N ILE A 166 6.31 2.93 9.91
CA ILE A 166 7.13 3.73 9.02
C ILE A 166 7.51 5.03 9.75
N PHE A 167 8.77 5.42 9.67
CA PHE A 167 9.25 6.62 10.37
C PHE A 167 8.48 7.89 9.97
N ASN A 168 8.39 8.83 10.90
CA ASN A 168 7.91 10.16 10.59
C ASN A 168 9.03 10.93 9.92
N GLN A 169 8.72 11.57 8.80
CA GLN A 169 9.68 12.34 8.05
C GLN A 169 9.62 13.80 8.46
N LYS A 170 10.77 14.33 8.88
CA LYS A 170 10.96 15.76 9.10
C LYS A 170 11.90 16.27 8.03
N ILE A 171 11.65 17.47 7.53
CA ILE A 171 12.55 18.11 6.58
C ILE A 171 13.35 19.17 7.31
N CYS A 172 14.67 18.98 7.38
CA CYS A 172 15.57 19.91 8.07
C CYS A 172 16.62 20.40 7.08
N GLY A 173 16.64 21.72 6.83
CA GLY A 173 17.53 22.30 5.84
C GLY A 173 17.34 21.70 4.46
N GLY A 174 16.09 21.32 4.15
CA GLY A 174 15.78 20.69 2.87
C GLY A 174 16.08 19.20 2.78
N TRP A 175 16.58 18.60 3.87
CA TRP A 175 16.95 17.18 3.90
C TRP A 175 15.96 16.36 4.73
N GLN A 176 15.67 15.15 4.28
CA GLN A 176 14.88 14.22 5.09
C GLN A 176 15.62 13.82 6.36
N MET A 177 14.94 13.97 7.50
CA MET A 177 15.36 13.38 8.76
C MET A 177 14.29 12.38 9.18
N GLU A 178 14.72 11.24 9.70
CA GLU A 178 13.80 10.21 10.16
C GLU A 178 13.67 10.26 11.66
N GLU A 179 12.44 10.16 12.16
CA GLU A 179 12.24 9.94 13.58
C GLU A 179 11.28 8.80 13.79
N ALA A 180 11.49 8.09 14.90
CA ALA A 180 10.73 6.89 15.21
C ALA A 180 9.25 7.23 15.35
N ASP A 181 8.43 6.35 14.79
CA ASP A 181 6.99 6.46 14.85
C ASP A 181 6.52 5.63 16.03
N ASP A 182 6.49 6.26 17.20
CA ASP A 182 6.10 5.59 18.43
C ASP A 182 4.58 5.62 18.52
N TRP A 183 3.93 4.89 17.63
CA TRP A 183 2.48 5.00 17.43
C TRP A 183 1.64 4.42 18.57
N LEU A 184 2.25 3.59 19.42
CA LEU A 184 1.54 3.00 20.55
C LEU A 184 1.73 3.76 21.87
N ARG A 185 2.39 4.93 21.81
CA ARG A 185 2.67 5.75 22.99
C ARG A 185 1.47 5.91 23.92
N TYR A 186 0.37 6.37 23.36
CA TYR A 186 -0.84 6.69 24.15
C TYR A 186 -1.81 5.52 24.26
N GLY A 187 -1.42 4.36 23.71
CA GLY A 187 -2.30 3.20 23.67
C GLY A 187 -3.05 3.12 22.37
N ASN A 188 -3.55 1.93 22.07
CA ASN A 188 -4.32 1.69 20.86
C ASN A 188 -5.69 1.13 21.26
N PRO A 189 -6.74 1.94 21.16
CA PRO A 189 -8.05 1.52 21.64
C PRO A 189 -8.71 0.47 20.76
N TRP A 190 -8.21 0.29 19.54
CA TRP A 190 -8.86 -0.57 18.56
C TRP A 190 -8.48 -2.04 18.72
N GLU A 191 -7.29 -2.30 19.27
CA GLU A 191 -6.79 -3.66 19.39
C GLU A 191 -7.23 -4.34 20.68
N LYS A 192 -7.32 -5.66 20.63
CA LYS A 192 -7.54 -6.48 21.82
C LYS A 192 -6.46 -7.53 21.88
N ALA A 193 -5.64 -7.48 22.93
CA ALA A 193 -4.64 -8.52 23.17
C ALA A 193 -5.33 -9.85 23.44
N ARG A 194 -4.76 -10.93 22.90
CA ARG A 194 -5.30 -12.26 23.13
C ARG A 194 -4.19 -13.18 23.65
N PRO A 195 -3.67 -12.88 24.86
CA PRO A 195 -2.56 -13.67 25.44
C PRO A 195 -2.84 -15.17 25.53
N GLU A 196 -4.11 -15.52 25.64
CA GLU A 196 -4.57 -16.91 25.65
C GLU A 196 -4.23 -17.71 24.38
N PHE A 197 -4.00 -17.03 23.26
CA PHE A 197 -3.64 -17.71 22.01
C PHE A 197 -2.16 -17.55 21.66
N THR A 198 -1.33 -17.29 22.67
CA THR A 198 0.11 -17.16 22.48
C THR A 198 0.72 -18.50 22.06
N LEU A 199 1.58 -18.46 21.05
CA LEU A 199 2.14 -19.66 20.43
C LEU A 199 3.67 -19.56 20.36
N PRO A 200 4.36 -20.70 20.44
CA PRO A 200 5.82 -20.68 20.35
C PRO A 200 6.30 -20.70 18.90
N VAL A 201 7.39 -19.98 18.64
CA VAL A 201 8.04 -19.99 17.34
C VAL A 201 9.51 -20.36 17.54
N HIS A 202 9.99 -21.28 16.70
CA HIS A 202 11.34 -21.84 16.86
C HIS A 202 12.34 -21.27 15.87
N PHE A 203 13.58 -21.10 16.33
CA PHE A 203 14.68 -20.59 15.52
C PHE A 203 15.97 -21.36 15.82
N TYR A 204 16.87 -21.38 14.84
CA TYR A 204 18.18 -22.03 14.98
C TYR A 204 18.03 -23.53 15.17
N GLY A 205 18.81 -24.13 16.08
CA GLY A 205 18.75 -25.56 16.33
C GLY A 205 19.39 -26.38 15.22
N ARG A 206 18.98 -27.64 15.11
CA ARG A 206 19.56 -28.55 14.14
C ARG A 206 18.57 -29.67 13.86
N VAL A 207 18.82 -30.42 12.78
CA VAL A 207 17.94 -31.48 12.38
C VAL A 207 18.52 -32.84 12.76
N GLU A 208 17.69 -33.65 13.40
CA GLU A 208 18.05 -35.00 13.80
C GLU A 208 17.19 -35.97 13.02
N HIS A 209 17.78 -37.04 12.50
CA HIS A 209 17.04 -38.06 11.75
C HIS A 209 16.86 -39.30 12.61
N THR A 210 15.62 -39.59 12.99
CA THR A 210 15.29 -40.78 13.76
C THR A 210 14.72 -41.85 12.83
N SER A 211 14.33 -42.98 13.41
CA SER A 211 13.64 -44.03 12.69
C SER A 211 12.25 -43.57 12.22
N GLN A 212 11.63 -42.70 13.00
CA GLN A 212 10.28 -42.20 12.68
C GLN A 212 10.30 -41.07 11.65
N GLY A 213 11.36 -40.26 11.65
CA GLY A 213 11.53 -39.20 10.66
C GLY A 213 12.51 -38.14 11.10
N ALA A 214 12.44 -36.96 10.47
CA ALA A 214 13.29 -35.84 10.86
C ALA A 214 12.69 -35.13 12.07
N LYS A 215 13.57 -34.59 12.91
CA LYS A 215 13.16 -33.81 14.08
C LYS A 215 14.02 -32.57 14.20
N TRP A 216 13.36 -31.44 14.49
CA TRP A 216 14.03 -30.16 14.62
C TRP A 216 14.20 -29.88 16.12
N VAL A 217 15.45 -29.89 16.58
CA VAL A 217 15.75 -29.90 18.02
C VAL A 217 16.75 -28.82 18.40
N ASP A 218 16.89 -28.59 19.70
CA ASP A 218 17.82 -27.61 20.28
C ASP A 218 17.54 -26.20 19.80
N THR A 219 16.26 -25.89 19.60
CA THR A 219 15.89 -24.60 19.06
C THR A 219 15.79 -23.54 20.15
N GLN A 220 15.90 -22.28 19.74
CA GLN A 220 15.53 -21.16 20.59
C GLN A 220 14.07 -20.83 20.35
N VAL A 221 13.36 -20.47 21.41
CA VAL A 221 11.93 -20.22 21.32
C VAL A 221 11.65 -18.75 21.55
N VAL A 222 10.85 -18.17 20.66
CA VAL A 222 10.22 -16.88 20.88
C VAL A 222 8.71 -17.08 20.86
N LEU A 223 8.01 -16.40 21.77
CA LEU A 223 6.55 -16.49 21.81
C LEU A 223 5.93 -15.46 20.88
N ALA A 224 4.81 -15.84 20.27
CA ALA A 224 4.05 -14.94 19.42
C ALA A 224 2.73 -14.69 20.13
N MET A 225 2.53 -13.45 20.57
CA MET A 225 1.29 -13.05 21.22
C MET A 225 0.42 -12.28 20.23
N PRO A 226 -0.82 -12.73 20.01
CA PRO A 226 -1.69 -12.05 19.04
C PRO A 226 -2.46 -10.86 19.63
N TYR A 227 -2.60 -9.82 18.82
CA TYR A 227 -3.51 -8.71 19.08
C TYR A 227 -4.51 -8.65 17.94
N ASP A 228 -5.80 -8.62 18.26
CA ASP A 228 -6.85 -8.62 17.25
C ASP A 228 -7.43 -7.22 17.07
N THR A 229 -7.59 -6.82 15.82
CA THR A 229 -8.18 -5.53 15.48
C THR A 229 -9.39 -5.81 14.60
N PRO A 230 -10.52 -5.15 14.90
CA PRO A 230 -11.72 -5.39 14.10
C PRO A 230 -11.67 -4.71 12.75
N VAL A 231 -12.21 -5.39 11.75
CA VAL A 231 -12.31 -4.86 10.39
C VAL A 231 -13.79 -4.86 9.97
N PRO A 232 -14.47 -3.71 10.12
CA PRO A 232 -15.89 -3.65 9.78
C PRO A 232 -16.16 -3.58 8.27
N GLY A 233 -17.10 -4.39 7.79
CA GLY A 233 -17.58 -4.25 6.42
C GLY A 233 -18.54 -3.07 6.31
N TYR A 234 -18.84 -2.65 5.09
CA TYR A 234 -19.67 -1.45 4.88
C TYR A 234 -21.15 -1.77 5.11
N ARG A 235 -21.64 -1.36 6.27
CA ARG A 235 -23.06 -1.43 6.65
C ARG A 235 -23.72 -2.78 6.38
N ASN A 236 -22.95 -3.85 6.59
CA ASN A 236 -23.47 -5.20 6.48
C ASN A 236 -23.37 -6.00 7.79
N ASN A 237 -22.97 -5.32 8.86
CA ASN A 237 -22.78 -5.92 10.20
C ASN A 237 -21.75 -7.04 10.26
N VAL A 238 -20.88 -7.13 9.26
CA VAL A 238 -19.78 -8.08 9.28
C VAL A 238 -18.59 -7.35 9.91
N VAL A 239 -17.95 -8.01 10.88
CA VAL A 239 -16.69 -7.51 11.46
C VAL A 239 -15.71 -8.66 11.47
N ASN A 240 -14.71 -8.53 10.59
CA ASN A 240 -13.64 -9.51 10.47
C ASN A 240 -12.47 -9.13 11.36
N THR A 241 -11.44 -9.97 11.38
CA THR A 241 -10.32 -9.79 12.27
C THR A 241 -9.01 -9.65 11.50
N MET A 242 -8.21 -8.67 11.92
CA MET A 242 -6.80 -8.59 11.56
C MET A 242 -6.04 -9.00 12.82
N ARG A 243 -5.28 -10.09 12.75
CA ARG A 243 -4.51 -10.58 13.87
C ARG A 243 -3.02 -10.30 13.64
N LEU A 244 -2.45 -9.49 14.52
CA LEU A 244 -1.06 -9.10 14.42
C LEU A 244 -0.29 -9.69 15.60
N TRP A 245 0.85 -10.30 15.29
CA TRP A 245 1.66 -10.99 16.29
C TRP A 245 2.73 -10.07 16.87
N SER A 246 2.93 -10.18 18.17
CA SER A 246 3.96 -9.46 18.90
C SER A 246 4.91 -10.49 19.52
N ALA A 247 6.20 -10.20 19.46
CA ALA A 247 7.22 -11.13 19.94
C ALA A 247 7.44 -10.99 21.44
N LYS A 248 7.41 -12.12 22.14
CA LYS A 248 7.63 -12.14 23.59
C LYS A 248 8.66 -13.21 23.96
N ALA A 249 9.57 -12.88 24.87
CA ALA A 249 10.54 -13.84 25.37
C ALA A 249 9.84 -14.77 26.36
N PRO A 250 10.17 -16.07 26.35
CA PRO A 250 9.66 -16.93 27.42
C PRO A 250 10.26 -16.57 28.78
N ASN A 251 9.59 -16.92 29.88
CA ASN A 251 10.03 -16.47 31.22
C ASN A 251 11.34 -17.09 31.73
N ASP A 252 11.71 -18.23 31.16
CA ASP A 252 12.99 -18.88 31.49
C ASP A 252 14.14 -18.43 30.57
N PHE A 253 13.86 -17.48 29.67
CA PHE A 253 14.84 -17.03 28.67
C PHE A 253 16.13 -16.54 29.33
N ASN A 254 17.26 -17.09 28.88
CA ASN A 254 18.59 -16.84 29.50
C ASN A 254 18.65 -17.21 30.99
N LEU A 255 17.74 -18.07 31.44
CA LEU A 255 17.64 -18.44 32.86
C LEU A 255 17.37 -19.93 33.01
N GLY A 262 24.98 -12.57 34.57
CA GLY A 262 24.20 -12.68 35.80
C GLY A 262 22.71 -12.44 35.60
N TYR A 263 21.97 -12.41 36.70
CA TYR A 263 20.50 -12.33 36.67
C TYR A 263 20.02 -11.07 35.95
N ILE A 264 20.58 -9.91 36.30
CA ILE A 264 20.10 -8.65 35.72
C ILE A 264 20.28 -8.67 34.19
N GLN A 265 21.48 -9.02 33.73
CA GLN A 265 21.76 -9.06 32.30
C GLN A 265 20.84 -10.04 31.55
N ALA A 266 20.52 -11.17 32.18
CA ALA A 266 19.62 -12.16 31.58
C ALA A 266 18.22 -11.61 31.34
N VAL A 267 17.72 -10.83 32.30
CA VAL A 267 16.43 -10.17 32.14
C VAL A 267 16.52 -9.10 31.04
N LEU A 268 17.58 -8.31 31.04
CA LEU A 268 17.74 -7.26 30.04
C LEU A 268 17.87 -7.84 28.63
N ASP A 269 18.50 -9.01 28.51
CA ASP A 269 18.69 -9.65 27.21
C ASP A 269 17.41 -10.24 26.59
N ARG A 270 16.29 -10.19 27.32
CA ARG A 270 14.99 -10.55 26.75
C ARG A 270 14.64 -9.65 25.55
N ASN A 271 15.15 -8.42 25.56
CA ASN A 271 15.00 -7.49 24.44
C ASN A 271 15.43 -8.06 23.10
N LEU A 272 16.45 -8.93 23.11
CA LEU A 272 16.94 -9.54 21.89
C LEU A 272 15.82 -10.30 21.17
N ALA A 273 15.12 -11.17 21.89
CA ALA A 273 14.02 -11.95 21.33
C ALA A 273 12.88 -11.04 20.87
N GLU A 274 12.62 -10.00 21.65
CA GLU A 274 11.45 -9.15 21.40
C GLU A 274 11.70 -8.13 20.29
N ASN A 275 12.96 -7.96 19.90
CA ASN A 275 13.29 -7.10 18.76
C ASN A 275 12.67 -7.55 17.43
N ILE A 276 12.25 -8.80 17.33
CA ILE A 276 11.63 -9.31 16.11
C ILE A 276 10.45 -8.45 15.64
N SER A 277 9.61 -8.01 16.57
CA SER A 277 8.44 -7.20 16.22
C SER A 277 8.63 -5.71 16.53
N ARG A 278 9.88 -5.28 16.66
CA ARG A 278 10.13 -3.90 17.09
C ARG A 278 9.87 -2.89 15.99
N VAL A 279 10.37 -3.15 14.79
CA VAL A 279 10.38 -2.13 13.76
C VAL A 279 10.12 -2.66 12.33
N LEU A 280 9.30 -1.91 11.59
CA LEU A 280 9.05 -2.17 10.18
C LEU A 280 10.28 -1.79 9.36
N TYR A 281 10.74 -2.72 8.52
CA TYR A 281 11.76 -2.38 7.52
C TYR A 281 11.18 -1.32 6.58
N PRO A 282 11.89 -0.18 6.44
CA PRO A 282 11.37 1.01 5.78
C PRO A 282 11.64 1.09 4.27
N ASN A 283 11.80 -0.06 3.62
CA ASN A 283 12.16 -0.10 2.19
C ASN A 283 10.96 -0.40 1.31
N ASP A 284 10.84 0.36 0.23
CA ASP A 284 9.82 0.20 -0.78
C ASP A 284 10.52 -0.34 -2.01
N ASN A 285 10.02 -1.44 -2.57
CA ASN A 285 10.59 -2.04 -3.79
C ASN A 285 12.09 -2.28 -3.69
N PHE A 286 12.53 -2.80 -2.56
CA PHE A 286 13.95 -3.06 -2.35
C PHE A 286 14.13 -4.18 -1.34
N PHE A 287 14.86 -5.22 -1.74
CA PHE A 287 15.16 -6.34 -0.86
C PHE A 287 16.43 -6.03 -0.07
N GLU A 288 16.28 -6.01 1.26
CA GLU A 288 17.43 -5.92 2.16
C GLU A 288 17.55 -7.26 2.89
N GLY A 289 18.59 -8.02 2.53
CA GLY A 289 18.76 -9.40 3.02
C GLY A 289 19.37 -9.50 4.41
N LYS A 290 18.69 -8.94 5.41
CA LYS A 290 19.17 -8.92 6.78
C LYS A 290 18.52 -10.03 7.59
N GLU A 291 19.25 -10.57 8.56
CA GLU A 291 18.76 -11.65 9.40
C GLU A 291 17.48 -11.27 10.15
N LEU A 292 17.45 -10.06 10.69
CA LEU A 292 16.27 -9.63 11.43
C LEU A 292 15.00 -9.68 10.56
N ARG A 293 15.13 -9.31 9.29
CA ARG A 293 14.01 -9.38 8.36
C ARG A 293 13.56 -10.82 8.12
N LEU A 294 14.52 -11.73 7.99
CA LEU A 294 14.19 -13.13 7.81
C LEU A 294 13.47 -13.69 9.04
N LYS A 295 13.90 -13.26 10.22
CA LYS A 295 13.25 -13.68 11.46
C LYS A 295 11.81 -13.19 11.50
N GLN A 296 11.58 -11.96 11.09
CA GLN A 296 10.23 -11.41 11.02
C GLN A 296 9.35 -12.24 10.08
N GLU A 297 9.90 -12.59 8.92
CA GLU A 297 9.16 -13.36 7.93
C GLU A 297 8.78 -14.74 8.45
N TYR A 298 9.69 -15.42 9.13
CA TYR A 298 9.37 -16.73 9.66
C TYR A 298 8.41 -16.64 10.85
N PHE A 299 8.65 -15.64 11.70
CA PHE A 299 7.80 -15.37 12.86
C PHE A 299 6.33 -15.28 12.50
N VAL A 300 6.00 -14.46 11.51
CA VAL A 300 4.60 -14.27 11.11
C VAL A 300 4.04 -15.58 10.52
N VAL A 301 4.86 -16.24 9.72
CA VAL A 301 4.45 -17.48 9.06
C VAL A 301 4.21 -18.62 10.04
N ALA A 302 5.12 -18.80 10.98
CA ALA A 302 5.04 -19.91 11.93
C ALA A 302 3.87 -19.77 12.89
N ALA A 303 3.72 -18.58 13.46
CA ALA A 303 2.59 -18.32 14.34
C ALA A 303 1.26 -18.45 13.62
N THR A 304 1.16 -17.86 12.42
CA THR A 304 -0.07 -17.87 11.63
C THR A 304 -0.49 -19.30 11.26
N LEU A 305 0.45 -20.10 10.75
CA LEU A 305 0.12 -21.47 10.34
C LEU A 305 -0.38 -22.35 11.51
N GLN A 306 0.19 -22.20 12.70
CA GLN A 306 -0.31 -22.91 13.87
C GLN A 306 -1.73 -22.50 14.19
N ASP A 307 -2.01 -21.21 14.05
CA ASP A 307 -3.32 -20.67 14.33
C ASP A 307 -4.33 -21.19 13.31
N ILE A 308 -3.94 -21.22 12.04
CA ILE A 308 -4.78 -21.75 10.97
C ILE A 308 -5.12 -23.22 11.24
N ILE A 309 -4.10 -24.01 11.55
CA ILE A 309 -4.29 -25.44 11.76
C ILE A 309 -5.15 -25.69 13.00
N ARG A 310 -4.91 -24.93 14.07
CA ARG A 310 -5.74 -25.02 15.28
C ARG A 310 -7.21 -24.80 14.93
N ARG A 311 -7.49 -23.75 14.18
CA ARG A 311 -8.86 -23.38 13.81
C ARG A 311 -9.49 -24.42 12.89
N PHE A 312 -8.68 -25.04 12.03
CA PHE A 312 -9.12 -26.11 11.14
C PHE A 312 -9.50 -27.38 11.90
N LYS A 313 -8.67 -27.77 12.86
CA LYS A 313 -8.93 -28.97 13.65
C LYS A 313 -10.16 -28.84 14.53
N SER A 314 -10.45 -27.62 14.99
CA SER A 314 -11.56 -27.34 15.89
C SER A 314 -12.85 -26.99 15.13
N SER A 315 -13.13 -27.71 14.06
CA SER A 315 -14.32 -27.46 13.24
C SER A 315 -15.58 -27.91 13.94
N THR A 325 -7.07 -33.86 11.56
CA THR A 325 -6.81 -35.29 11.44
C THR A 325 -6.77 -35.70 9.97
N ASN A 326 -7.83 -35.37 9.23
CA ASN A 326 -7.88 -35.62 7.78
C ASN A 326 -7.59 -34.34 7.01
N PHE A 327 -6.39 -34.27 6.44
CA PHE A 327 -5.94 -33.05 5.77
C PHE A 327 -6.28 -33.00 4.28
N ASP A 328 -6.96 -34.02 3.78
CA ASP A 328 -7.49 -34.00 2.40
C ASP A 328 -8.45 -32.82 2.19
N ALA A 329 -9.22 -32.49 3.23
CA ALA A 329 -10.17 -31.39 3.16
C ALA A 329 -9.55 -30.01 3.51
N PHE A 330 -8.26 -29.98 3.86
CA PHE A 330 -7.60 -28.73 4.25
C PHE A 330 -7.78 -27.63 3.20
N PRO A 331 -7.48 -27.94 1.91
CA PRO A 331 -7.65 -26.91 0.88
C PRO A 331 -9.11 -26.51 0.61
N ASP A 332 -10.07 -27.33 1.02
CA ASP A 332 -11.49 -26.97 0.90
C ASP A 332 -11.91 -25.96 1.96
N LYS A 333 -11.18 -25.93 3.08
CA LYS A 333 -11.54 -25.08 4.20
C LYS A 333 -10.56 -23.92 4.46
N VAL A 334 -9.44 -23.93 3.74
CA VAL A 334 -8.37 -22.94 3.94
C VAL A 334 -7.83 -22.43 2.60
N ALA A 335 -7.74 -21.11 2.47
CA ALA A 335 -6.94 -20.48 1.42
C ALA A 335 -5.92 -19.55 2.07
N ILE A 336 -4.67 -19.66 1.62
CA ILE A 336 -3.58 -18.80 2.10
C ILE A 336 -3.08 -17.95 0.94
N GLN A 337 -3.24 -16.64 1.05
CA GLN A 337 -2.77 -15.72 0.03
C GLN A 337 -1.47 -15.09 0.49
N LEU A 338 -0.42 -15.28 -0.30
CA LEU A 338 0.89 -14.74 0.02
C LEU A 338 1.02 -13.36 -0.63
N ASN A 339 1.16 -12.33 0.20
CA ASN A 339 1.36 -10.99 -0.29
C ASN A 339 2.83 -10.80 -0.65
N ASP A 340 3.14 -11.14 -1.90
CA ASP A 340 4.49 -11.25 -2.41
C ASP A 340 5.23 -12.41 -1.74
N THR A 341 6.54 -12.46 -1.86
CA THR A 341 7.30 -13.60 -1.33
C THR A 341 7.64 -13.42 0.14
N HIS A 342 7.24 -12.31 0.75
CA HIS A 342 7.67 -12.01 2.10
C HIS A 342 7.24 -13.10 3.11
N PRO A 343 6.04 -13.68 2.93
CA PRO A 343 5.64 -14.81 3.74
C PRO A 343 5.79 -16.15 3.01
N SER A 344 6.72 -16.24 2.06
CA SER A 344 6.92 -17.45 1.26
C SER A 344 7.30 -18.68 2.06
N LEU A 345 7.86 -18.48 3.26
CA LEU A 345 8.21 -19.60 4.12
C LEU A 345 6.99 -20.39 4.60
N ALA A 346 5.78 -19.87 4.36
CA ALA A 346 4.55 -20.63 4.59
C ALA A 346 4.56 -21.96 3.84
N ILE A 347 5.15 -21.96 2.65
CA ILE A 347 5.20 -23.17 1.82
C ILE A 347 6.04 -24.27 2.49
N PRO A 348 7.33 -24.02 2.77
CA PRO A 348 8.07 -25.08 3.49
C PRO A 348 7.62 -25.30 4.94
N GLU A 349 7.08 -24.27 5.60
CA GLU A 349 6.55 -24.46 6.95
C GLU A 349 5.33 -25.40 6.95
N LEU A 350 4.43 -25.20 6.00
CA LEU A 350 3.26 -26.08 5.88
C LEU A 350 3.72 -27.52 5.61
N MET A 351 4.69 -27.67 4.72
CA MET A 351 5.27 -28.99 4.46
C MET A 351 5.89 -29.60 5.71
N ARG A 352 6.65 -28.78 6.45
CA ARG A 352 7.27 -29.23 7.70
C ARG A 352 6.25 -29.77 8.69
N VAL A 353 5.19 -29.00 8.91
CA VAL A 353 4.15 -29.40 9.85
C VAL A 353 3.45 -30.68 9.38
N LEU A 354 3.11 -30.74 8.09
CA LEU A 354 2.40 -31.90 7.56
C LEU A 354 3.24 -33.17 7.54
N VAL A 355 4.52 -33.04 7.18
CA VAL A 355 5.41 -34.20 7.08
C VAL A 355 6.00 -34.58 8.45
N ASP A 356 6.62 -33.62 9.13
CA ASP A 356 7.35 -33.92 10.37
C ASP A 356 6.44 -34.13 11.58
N LEU A 357 5.32 -33.41 11.65
CA LEU A 357 4.48 -33.44 12.85
C LEU A 357 3.22 -34.27 12.66
N GLU A 358 2.55 -34.11 11.53
CA GLU A 358 1.32 -34.86 11.23
C GLU A 358 1.57 -36.18 10.51
N ARG A 359 2.81 -36.39 10.07
CA ARG A 359 3.27 -37.67 9.52
C ARG A 359 2.62 -38.05 8.18
N LEU A 360 2.16 -37.06 7.42
CA LEU A 360 1.69 -37.29 6.06
C LEU A 360 2.88 -37.62 5.18
N ASP A 361 2.65 -38.42 4.14
CA ASP A 361 3.69 -38.67 3.15
C ASP A 361 3.90 -37.41 2.32
N TRP A 362 5.11 -37.27 1.78
CA TRP A 362 5.51 -36.06 1.07
C TRP A 362 4.53 -35.64 -0.02
N ASP A 363 4.17 -36.59 -0.88
CA ASP A 363 3.33 -36.30 -2.04
C ASP A 363 1.95 -35.76 -1.65
N LYS A 364 1.36 -36.31 -0.59
CA LYS A 364 0.05 -35.85 -0.14
C LYS A 364 0.13 -34.45 0.47
N ALA A 365 1.14 -34.23 1.31
CA ALA A 365 1.39 -32.91 1.89
C ALA A 365 1.60 -31.85 0.81
N TRP A 366 2.37 -32.17 -0.21
CA TRP A 366 2.64 -31.25 -1.32
C TRP A 366 1.38 -30.86 -2.07
N GLU A 367 0.51 -31.85 -2.31
CA GLU A 367 -0.77 -31.61 -2.95
C GLU A 367 -1.61 -30.63 -2.14
N VAL A 368 -1.68 -30.87 -0.83
CA VAL A 368 -2.42 -30.01 0.08
C VAL A 368 -1.84 -28.60 0.05
N THR A 369 -0.52 -28.51 0.15
CA THR A 369 0.17 -27.22 0.17
C THR A 369 -0.11 -26.41 -1.09
N VAL A 370 0.05 -27.05 -2.26
CA VAL A 370 -0.15 -26.36 -3.54
C VAL A 370 -1.58 -25.85 -3.67
N LYS A 371 -2.56 -26.67 -3.30
CA LYS A 371 -3.96 -26.29 -3.41
C LYS A 371 -4.39 -25.24 -2.39
N THR A 372 -3.61 -25.10 -1.32
CA THR A 372 -3.91 -24.11 -0.28
C THR A 372 -3.30 -22.74 -0.59
N CYS A 373 -2.10 -22.73 -1.16
CA CYS A 373 -1.34 -21.50 -1.32
C CYS A 373 -1.49 -20.88 -2.71
N ALA A 374 -1.56 -19.55 -2.70
CA ALA A 374 -1.56 -18.76 -3.92
C ALA A 374 -0.67 -17.55 -3.67
N TYR A 375 -0.03 -17.08 -4.73
CA TYR A 375 1.03 -16.09 -4.64
C TYR A 375 0.75 -14.90 -5.54
N THR A 376 0.90 -13.71 -4.99
CA THR A 376 0.77 -12.49 -5.75
C THR A 376 2.13 -11.81 -5.85
N ASN A 377 2.58 -11.56 -7.08
CA ASN A 377 3.79 -10.80 -7.33
C ASN A 377 3.43 -9.34 -7.53
N HIS A 378 4.21 -8.45 -6.93
CA HIS A 378 3.89 -7.01 -6.94
C HIS A 378 4.91 -6.13 -7.66
N THR A 379 5.99 -6.70 -8.18
CA THR A 379 6.99 -5.90 -8.88
C THR A 379 7.95 -6.78 -9.67
N VAL A 380 8.50 -6.22 -10.75
CA VAL A 380 9.51 -6.91 -11.54
C VAL A 380 10.88 -6.26 -11.40
N LEU A 381 11.00 -5.22 -10.57
CA LEU A 381 12.31 -4.60 -10.36
C LEU A 381 13.23 -5.63 -9.72
N PRO A 382 14.39 -5.90 -10.34
CA PRO A 382 15.26 -6.99 -9.89
C PRO A 382 15.80 -6.82 -8.47
N GLU A 383 16.01 -5.57 -8.05
CA GLU A 383 16.50 -5.29 -6.70
C GLU A 383 15.45 -5.52 -5.61
N ALA A 384 14.20 -5.74 -6.01
CA ALA A 384 13.12 -6.00 -5.05
C ALA A 384 12.92 -7.49 -4.77
N LEU A 385 13.47 -8.35 -5.62
CA LEU A 385 13.22 -9.78 -5.51
C LEU A 385 14.02 -10.38 -4.34
N GLU A 386 13.34 -11.19 -3.54
CA GLU A 386 13.97 -11.82 -2.38
C GLU A 386 14.81 -13.02 -2.79
N ARG A 387 16.11 -12.91 -2.55
CA ARG A 387 17.05 -13.98 -2.79
C ARG A 387 17.88 -14.17 -1.52
N TRP A 388 17.48 -15.12 -0.68
CA TRP A 388 18.11 -15.31 0.61
C TRP A 388 19.37 -16.18 0.53
N PRO A 389 20.50 -15.69 1.08
CA PRO A 389 21.71 -16.51 1.20
C PRO A 389 21.43 -17.83 1.89
N VAL A 390 21.91 -18.92 1.29
CA VAL A 390 21.74 -20.26 1.84
C VAL A 390 22.29 -20.36 3.27
N HIS A 391 23.43 -19.72 3.51
CA HIS A 391 24.08 -19.80 4.83
C HIS A 391 23.20 -19.23 5.96
N LEU A 392 22.40 -18.22 5.65
CA LEU A 392 21.42 -17.69 6.61
C LEU A 392 20.32 -18.70 6.93
N LEU A 393 19.73 -19.29 5.90
CA LEU A 393 18.67 -20.29 6.09
C LEU A 393 19.22 -21.51 6.80
N GLU A 394 20.44 -21.88 6.43
CA GLU A 394 21.15 -23.00 7.04
C GLU A 394 21.21 -22.87 8.56
N THR A 395 21.60 -21.69 9.02
CA THR A 395 21.75 -21.42 10.45
C THR A 395 20.41 -21.20 11.14
N LEU A 396 19.54 -20.38 10.53
CA LEU A 396 18.32 -19.96 11.20
C LEU A 396 17.20 -21.01 11.11
N LEU A 397 17.08 -21.66 9.95
CA LEU A 397 15.95 -22.52 9.65
C LEU A 397 16.43 -23.79 8.95
N PRO A 398 17.26 -24.60 9.62
CA PRO A 398 17.92 -25.74 8.98
C PRO A 398 16.97 -26.76 8.34
N ARG A 399 15.82 -26.99 8.98
CA ARG A 399 14.85 -27.96 8.46
C ARG A 399 14.15 -27.43 7.21
N HIS A 400 13.85 -26.13 7.20
CA HIS A 400 13.24 -25.50 6.04
C HIS A 400 14.16 -25.53 4.82
N LEU A 401 15.45 -25.33 5.01
CA LEU A 401 16.40 -25.42 3.92
C LEU A 401 16.37 -26.83 3.30
N GLN A 402 16.33 -27.85 4.15
CA GLN A 402 16.25 -29.24 3.68
C GLN A 402 14.99 -29.46 2.87
N ILE A 403 13.88 -28.94 3.35
CA ILE A 403 12.60 -29.06 2.65
C ILE A 403 12.65 -28.30 1.32
N ILE A 404 13.27 -27.12 1.31
CA ILE A 404 13.40 -26.34 0.07
C ILE A 404 14.25 -27.10 -0.98
N TYR A 405 15.31 -27.75 -0.52
CA TYR A 405 16.16 -28.54 -1.43
C TYR A 405 15.37 -29.70 -2.05
N GLU A 406 14.55 -30.36 -1.23
CA GLU A 406 13.70 -31.46 -1.69
C GLU A 406 12.64 -30.97 -2.66
N ILE A 407 12.00 -29.84 -2.36
CA ILE A 407 11.06 -29.22 -3.29
C ILE A 407 11.76 -28.95 -4.62
N ASN A 408 12.97 -28.41 -4.55
CA ASN A 408 13.71 -28.04 -5.74
C ASN A 408 14.03 -29.26 -6.62
N GLN A 409 14.48 -30.34 -5.98
CA GLN A 409 14.84 -31.56 -6.69
C GLN A 409 13.63 -32.16 -7.42
N ARG A 410 12.50 -32.24 -6.73
CA ARG A 410 11.27 -32.76 -7.33
C ARG A 410 10.71 -31.86 -8.42
N PHE A 411 10.82 -30.54 -8.22
CA PHE A 411 10.37 -29.59 -9.23
C PHE A 411 11.24 -29.67 -10.49
N LEU A 412 12.55 -29.70 -10.31
CA LEU A 412 13.47 -29.76 -11.45
C LEU A 412 13.33 -31.09 -12.21
N ASN A 413 12.99 -32.17 -11.50
CA ASN A 413 12.69 -33.44 -12.16
C ASN A 413 11.50 -33.32 -13.10
N ARG A 414 10.48 -32.55 -12.71
CA ARG A 414 9.33 -32.30 -13.58
C ARG A 414 9.73 -31.48 -14.81
N VAL A 415 10.57 -30.47 -14.61
CA VAL A 415 11.02 -29.61 -15.71
C VAL A 415 11.80 -30.44 -16.72
N ALA A 416 12.68 -31.32 -16.21
CA ALA A 416 13.54 -32.16 -17.03
C ALA A 416 12.73 -33.12 -17.90
N ALA A 417 11.63 -33.65 -17.35
CA ALA A 417 10.74 -34.55 -18.07
C ALA A 417 9.90 -33.80 -19.10
N ALA A 418 9.58 -32.53 -18.84
CA ALA A 418 8.80 -31.72 -19.77
C ALA A 418 9.67 -31.16 -20.90
N PHE A 419 10.91 -30.81 -20.60
CA PHE A 419 11.82 -30.20 -21.56
C PHE A 419 13.16 -30.93 -21.55
N PRO A 420 13.17 -32.16 -22.07
CA PRO A 420 14.39 -32.98 -21.97
C PRO A 420 15.57 -32.36 -22.70
N GLY A 421 16.73 -32.35 -22.05
CA GLY A 421 17.96 -31.82 -22.63
C GLY A 421 18.17 -30.33 -22.42
N ASP A 422 17.14 -29.63 -21.96
CA ASP A 422 17.22 -28.18 -21.81
C ASP A 422 17.88 -27.83 -20.48
N VAL A 423 19.21 -28.00 -20.43
CA VAL A 423 19.94 -27.81 -19.18
C VAL A 423 19.96 -26.36 -18.71
N ASP A 424 19.95 -25.41 -19.64
CA ASP A 424 19.92 -24.01 -19.21
C ASP A 424 18.57 -23.66 -18.56
N ARG A 425 17.48 -24.27 -19.04
CA ARG A 425 16.18 -24.06 -18.42
C ARG A 425 16.22 -24.53 -16.96
N LEU A 426 16.80 -25.71 -16.72
CA LEU A 426 16.94 -26.25 -15.38
C LEU A 426 17.61 -25.25 -14.44
N ARG A 427 18.73 -24.67 -14.88
CA ARG A 427 19.43 -23.72 -14.01
C ARG A 427 18.66 -22.40 -13.88
N ARG A 428 17.94 -21.99 -14.91
CA ARG A 428 17.11 -20.79 -14.86
C ARG A 428 15.93 -20.93 -13.90
N MET A 429 15.35 -22.13 -13.84
CA MET A 429 14.15 -22.36 -13.04
C MET A 429 14.44 -22.83 -11.61
N SER A 430 15.68 -23.23 -11.35
CA SER A 430 16.05 -23.74 -10.04
C SER A 430 15.67 -22.76 -8.92
N LEU A 431 15.22 -23.31 -7.80
CA LEU A 431 14.99 -22.51 -6.60
C LEU A 431 16.32 -22.03 -6.03
N VAL A 432 17.38 -22.80 -6.29
CA VAL A 432 18.72 -22.48 -5.80
C VAL A 432 19.52 -21.78 -6.89
N GLU A 433 19.96 -20.57 -6.60
CA GLU A 433 20.85 -19.84 -7.51
C GLU A 433 22.29 -20.09 -7.09
N GLU A 434 23.08 -20.65 -8.00
CA GLU A 434 24.51 -20.87 -7.74
C GLU A 434 25.28 -19.59 -8.01
N GLY A 435 26.50 -19.51 -7.48
CA GLY A 435 27.34 -18.32 -7.61
C GLY A 435 28.29 -18.18 -6.44
N ALA A 436 28.83 -16.97 -6.27
CA ALA A 436 29.74 -16.66 -5.16
C ALA A 436 29.10 -17.05 -3.82
N VAL A 437 27.90 -16.54 -3.59
CA VAL A 437 27.06 -17.00 -2.49
C VAL A 437 25.83 -17.67 -3.09
N LYS A 438 25.55 -18.91 -2.67
CA LYS A 438 24.33 -19.58 -3.10
C LYS A 438 23.14 -18.88 -2.44
N ARG A 439 22.04 -18.74 -3.19
CA ARG A 439 20.84 -18.08 -2.69
C ARG A 439 19.61 -18.90 -3.07
N ILE A 440 18.56 -18.76 -2.27
CA ILE A 440 17.26 -19.31 -2.62
C ILE A 440 16.44 -18.20 -3.26
N ASN A 441 15.89 -18.47 -4.45
CA ASN A 441 14.99 -17.52 -5.10
C ASN A 441 13.58 -17.79 -4.58
N MET A 442 13.05 -16.88 -3.78
CA MET A 442 11.78 -17.12 -3.10
C MET A 442 10.59 -17.03 -4.06
N ALA A 443 10.74 -16.27 -5.14
CA ALA A 443 9.69 -16.21 -6.16
C ALA A 443 9.53 -17.56 -6.83
N HIS A 444 10.65 -18.22 -7.11
CA HIS A 444 10.60 -19.55 -7.73
C HIS A 444 9.94 -20.54 -6.78
N LEU A 445 10.28 -20.46 -5.50
CA LEU A 445 9.66 -21.31 -4.49
C LEU A 445 8.14 -21.11 -4.47
N CYS A 446 7.72 -19.85 -4.50
CA CYS A 446 6.29 -19.52 -4.48
C CYS A 446 5.53 -20.04 -5.69
N ILE A 447 6.13 -19.96 -6.87
CA ILE A 447 5.46 -20.43 -8.07
C ILE A 447 5.28 -21.95 -8.01
N ALA A 448 6.35 -22.65 -7.64
CA ALA A 448 6.33 -24.10 -7.50
C ALA A 448 5.28 -24.58 -6.49
N GLY A 449 5.14 -23.86 -5.40
CA GLY A 449 4.28 -24.28 -4.29
C GLY A 449 2.90 -23.66 -4.20
N SER A 450 2.46 -22.96 -5.25
CA SER A 450 1.14 -22.31 -5.31
C SER A 450 0.34 -22.79 -6.52
N HIS A 451 -0.98 -22.89 -6.39
CA HIS A 451 -1.83 -23.26 -7.51
C HIS A 451 -2.21 -22.06 -8.37
N ALA A 452 -1.94 -20.86 -7.88
CA ALA A 452 -2.23 -19.65 -8.63
C ALA A 452 -1.15 -18.59 -8.38
N VAL A 453 -0.75 -17.94 -9.46
CA VAL A 453 0.21 -16.86 -9.43
C VAL A 453 -0.42 -15.72 -10.21
N ASN A 454 -0.49 -14.55 -9.60
CA ASN A 454 -1.06 -13.41 -10.29
C ASN A 454 -0.18 -12.18 -10.21
N GLY A 455 -0.25 -11.36 -11.26
CA GLY A 455 0.22 -9.97 -11.24
C GLY A 455 -0.94 -9.07 -10.88
N VAL A 456 -0.69 -7.77 -10.81
CA VAL A 456 -1.57 -6.81 -10.15
C VAL A 456 -2.11 -5.75 -11.11
N ALA A 457 -1.83 -5.93 -12.40
CA ALA A 457 -2.41 -5.13 -13.48
C ALA A 457 -2.14 -5.87 -14.78
N ARG A 458 -2.98 -5.66 -15.78
CA ARG A 458 -2.91 -6.46 -17.00
C ARG A 458 -1.51 -6.42 -17.63
N ILE A 459 -0.95 -5.23 -17.77
CA ILE A 459 0.38 -5.10 -18.39
C ILE A 459 1.49 -5.80 -17.57
N HIS A 460 1.38 -5.73 -16.25
CA HIS A 460 2.32 -6.38 -15.34
C HIS A 460 2.22 -7.90 -15.48
N SER A 461 1.00 -8.43 -15.46
CA SER A 461 0.80 -9.87 -15.54
C SER A 461 1.29 -10.42 -16.88
N GLU A 462 1.15 -9.63 -17.95
CA GLU A 462 1.70 -10.01 -19.25
C GLU A 462 3.23 -9.97 -19.24
N ILE A 463 3.80 -8.96 -18.59
CA ILE A 463 5.26 -8.87 -18.45
C ILE A 463 5.81 -10.09 -17.70
N LEU A 464 5.10 -10.54 -16.66
CA LEU A 464 5.51 -11.74 -15.93
C LEU A 464 5.59 -12.96 -16.84
N LYS A 465 4.60 -13.12 -17.71
CA LYS A 465 4.54 -14.27 -18.60
C LYS A 465 5.57 -14.20 -19.72
N LYS A 466 5.95 -13.00 -20.12
CA LYS A 466 6.87 -12.80 -21.24
C LYS A 466 8.33 -12.71 -20.82
N THR A 467 8.59 -12.29 -19.58
CA THR A 467 9.97 -12.09 -19.12
C THR A 467 10.33 -12.95 -17.92
N ILE A 468 10.22 -12.42 -16.71
CA ILE A 468 10.84 -13.07 -15.55
C ILE A 468 10.29 -14.42 -15.16
N PHE A 469 9.01 -14.70 -15.46
CA PHE A 469 8.44 -16.02 -15.18
C PHE A 469 8.09 -16.80 -16.44
N LYS A 470 8.68 -16.41 -17.56
CA LYS A 470 8.40 -17.06 -18.85
C LYS A 470 8.55 -18.58 -18.79
N ASP A 471 9.64 -19.06 -18.21
CA ASP A 471 9.89 -20.51 -18.12
C ASP A 471 8.79 -21.23 -17.35
N PHE A 472 8.32 -20.58 -16.28
CA PHE A 472 7.30 -21.15 -15.40
C PHE A 472 5.94 -21.16 -16.07
N TYR A 473 5.62 -20.09 -16.80
CA TYR A 473 4.41 -20.02 -17.58
C TYR A 473 4.36 -21.14 -18.65
N GLU A 474 5.50 -21.41 -19.28
CA GLU A 474 5.59 -22.50 -20.27
C GLU A 474 5.36 -23.88 -19.67
N LEU A 475 5.83 -24.09 -18.44
CA LEU A 475 5.61 -25.36 -17.73
C LEU A 475 4.16 -25.48 -17.23
N GLU A 476 3.60 -24.39 -16.70
CA GLU A 476 2.28 -24.44 -16.05
C GLU A 476 1.45 -23.19 -16.36
N PRO A 477 0.97 -23.07 -17.61
CA PRO A 477 0.26 -21.87 -18.03
C PRO A 477 -1.02 -21.57 -17.24
N HIS A 478 -1.72 -22.63 -16.85
CA HIS A 478 -2.97 -22.53 -16.06
C HIS A 478 -2.81 -21.82 -14.72
N LYS A 479 -1.58 -21.81 -14.20
CA LYS A 479 -1.29 -21.23 -12.90
C LYS A 479 -1.35 -19.68 -12.92
N PHE A 480 -1.07 -19.09 -14.08
CA PHE A 480 -0.86 -17.64 -14.16
C PHE A 480 -2.13 -16.85 -14.46
N GLN A 481 -2.39 -15.84 -13.63
CA GLN A 481 -3.58 -15.01 -13.74
C GLN A 481 -3.23 -13.53 -13.60
N ASN A 482 -4.21 -12.69 -13.91
CA ASN A 482 -4.18 -11.28 -13.57
C ASN A 482 -5.26 -10.95 -12.55
N LYS A 483 -4.93 -10.08 -11.60
CA LYS A 483 -5.92 -9.45 -10.73
C LYS A 483 -5.56 -7.99 -10.60
N THR A 484 -6.18 -7.15 -11.42
CA THR A 484 -5.88 -5.74 -11.37
C THR A 484 -6.25 -5.17 -10.01
N ASN A 485 -5.34 -4.39 -9.46
CA ASN A 485 -5.51 -3.77 -8.15
C ASN A 485 -6.71 -2.83 -8.11
N GLY A 486 -7.06 -2.46 -6.89
CA GLY A 486 -8.13 -1.51 -6.66
C GLY A 486 -7.94 -0.83 -5.33
N ILE A 487 -8.84 0.10 -5.02
CA ILE A 487 -8.84 0.85 -3.78
C ILE A 487 -10.25 0.79 -3.22
N THR A 488 -10.38 0.94 -1.92
CA THR A 488 -11.70 0.93 -1.31
C THR A 488 -12.36 2.28 -1.46
N PRO A 489 -13.59 2.30 -2.02
CA PRO A 489 -14.30 3.58 -2.16
C PRO A 489 -14.83 4.13 -0.84
N ARG A 490 -14.80 3.34 0.23
CA ARG A 490 -15.16 3.84 1.55
C ARG A 490 -14.14 4.85 2.02
N ARG A 491 -12.91 4.41 2.29
CA ARG A 491 -11.86 5.35 2.67
C ARG A 491 -11.59 6.40 1.60
N TRP A 492 -11.55 5.98 0.34
CA TRP A 492 -10.98 6.82 -0.72
C TRP A 492 -12.01 7.65 -1.50
N LEU A 493 -13.23 7.72 -0.99
CA LEU A 493 -14.20 8.68 -1.53
C LEU A 493 -15.09 9.20 -0.41
N VAL A 494 -15.87 8.30 0.20
CA VAL A 494 -16.87 8.68 1.20
C VAL A 494 -16.22 9.34 2.41
N LEU A 495 -15.14 8.72 2.90
CA LEU A 495 -14.43 9.21 4.08
C LEU A 495 -13.66 10.50 3.78
N CYS A 496 -12.86 10.50 2.73
CA CYS A 496 -11.97 11.64 2.48
C CYS A 496 -12.62 12.75 1.67
N ASN A 497 -13.70 12.45 0.95
CA ASN A 497 -14.32 13.43 0.07
C ASN A 497 -15.85 13.35 0.17
N PRO A 498 -16.40 13.67 1.36
CA PRO A 498 -17.85 13.58 1.56
C PRO A 498 -18.66 14.46 0.60
N GLY A 499 -18.13 15.64 0.31
CA GLY A 499 -18.77 16.57 -0.62
C GLY A 499 -19.01 15.98 -1.99
N LEU A 500 -18.00 15.29 -2.53
CA LEU A 500 -18.16 14.63 -3.81
C LEU A 500 -19.11 13.44 -3.70
N ALA A 501 -18.97 12.66 -2.65
CA ALA A 501 -19.83 11.50 -2.46
C ALA A 501 -21.30 11.93 -2.39
N GLU A 502 -21.54 13.08 -1.78
CA GLU A 502 -22.90 13.60 -1.59
C GLU A 502 -23.55 14.05 -2.90
N ILE A 503 -22.86 14.90 -3.67
CA ILE A 503 -23.41 15.37 -4.95
C ILE A 503 -23.62 14.22 -5.93
N ILE A 504 -22.81 13.17 -5.83
CA ILE A 504 -23.05 11.96 -6.62
C ILE A 504 -24.29 11.24 -6.12
N ALA A 505 -24.42 11.12 -4.80
CA ALA A 505 -25.55 10.40 -4.20
C ALA A 505 -26.89 11.10 -4.50
N GLU A 506 -26.86 12.42 -4.57
CA GLU A 506 -28.06 13.19 -4.91
C GLU A 506 -28.66 12.78 -6.26
N ARG A 507 -27.80 12.38 -7.21
CA ARG A 507 -28.25 11.99 -8.54
C ARG A 507 -28.57 10.51 -8.65
N ILE A 508 -27.70 9.64 -8.15
CA ILE A 508 -27.81 8.20 -8.41
C ILE A 508 -28.03 7.32 -7.16
N GLY A 509 -28.20 7.94 -5.99
CA GLY A 509 -28.43 7.19 -4.76
C GLY A 509 -27.11 6.73 -4.16
N GLU A 510 -27.22 5.90 -3.12
CA GLU A 510 -26.06 5.49 -2.32
C GLU A 510 -25.51 4.10 -2.64
N GLU A 511 -26.19 3.35 -3.50
CA GLU A 511 -25.78 1.97 -3.80
C GLU A 511 -24.36 1.86 -4.35
N TYR A 512 -23.87 2.93 -4.99
CA TYR A 512 -22.55 2.91 -5.64
C TYR A 512 -21.39 2.71 -4.67
N ILE A 513 -21.62 3.02 -3.40
CA ILE A 513 -20.56 2.95 -2.40
C ILE A 513 -20.06 1.51 -2.21
N SER A 514 -20.94 0.52 -2.43
CA SER A 514 -20.54 -0.89 -2.43
C SER A 514 -20.77 -1.55 -3.79
N ASP A 515 -20.93 -0.73 -4.83
CA ASP A 515 -21.10 -1.20 -6.19
C ASP A 515 -20.66 -0.08 -7.11
N LEU A 516 -19.34 0.13 -7.16
CA LEU A 516 -18.78 1.36 -7.75
C LEU A 516 -18.99 1.48 -9.26
N ASP A 517 -19.30 0.37 -9.92
CA ASP A 517 -19.62 0.39 -11.36
C ASP A 517 -20.82 1.29 -11.65
N GLN A 518 -21.70 1.49 -10.66
CA GLN A 518 -22.84 2.37 -10.83
C GLN A 518 -22.46 3.82 -11.14
N LEU A 519 -21.21 4.21 -10.86
CA LEU A 519 -20.74 5.54 -11.24
C LEU A 519 -20.88 5.81 -12.74
N ARG A 520 -20.91 4.76 -13.56
CA ARG A 520 -21.20 4.88 -14.99
C ARG A 520 -22.48 5.67 -15.30
N LYS A 521 -23.45 5.61 -14.39
CA LYS A 521 -24.69 6.38 -14.52
C LYS A 521 -24.42 7.89 -14.61
N LEU A 522 -23.26 8.32 -14.10
CA LEU A 522 -22.87 9.73 -14.16
C LEU A 522 -22.56 10.24 -15.56
N LEU A 523 -22.33 9.34 -16.51
CA LEU A 523 -22.08 9.76 -17.89
C LEU A 523 -23.28 10.53 -18.48
N SER A 524 -24.49 10.16 -18.05
CA SER A 524 -25.67 10.88 -18.50
C SER A 524 -25.85 12.26 -17.85
N TYR A 525 -24.87 12.70 -17.06
CA TYR A 525 -24.86 14.05 -16.48
C TYR A 525 -23.71 14.92 -16.97
N VAL A 526 -22.93 14.40 -17.93
CA VAL A 526 -21.75 15.13 -18.43
C VAL A 526 -22.12 16.47 -19.09
N ASP A 527 -23.36 16.59 -19.57
CA ASP A 527 -23.87 17.85 -20.13
C ASP A 527 -24.89 18.54 -19.22
N ASP A 528 -24.98 18.09 -17.97
CA ASP A 528 -25.87 18.69 -16.98
C ASP A 528 -25.16 19.87 -16.33
N GLU A 529 -25.72 21.06 -16.52
CA GLU A 529 -25.08 22.30 -16.06
C GLU A 529 -24.96 22.38 -14.54
N ALA A 530 -25.97 21.88 -13.83
CA ALA A 530 -25.96 21.89 -12.36
C ALA A 530 -24.86 20.96 -11.83
N PHE A 531 -24.76 19.77 -12.40
CA PHE A 531 -23.76 18.77 -11.98
C PHE A 531 -22.33 19.27 -12.25
N ILE A 532 -22.10 19.83 -13.44
CA ILE A 532 -20.79 20.43 -13.77
C ILE A 532 -20.38 21.46 -12.71
N ARG A 533 -21.32 22.34 -12.37
CA ARG A 533 -21.07 23.38 -11.37
C ARG A 533 -20.81 22.79 -9.97
N ASP A 534 -21.55 21.74 -9.63
CA ASP A 534 -21.39 21.07 -8.34
C ASP A 534 -20.04 20.38 -8.23
N VAL A 535 -19.64 19.68 -9.29
CA VAL A 535 -18.35 18.98 -9.32
C VAL A 535 -17.22 19.99 -9.13
N ALA A 536 -17.26 21.09 -9.90
CA ALA A 536 -16.24 22.13 -9.79
C ALA A 536 -16.24 22.82 -8.43
N LYS A 537 -17.42 23.01 -7.85
CA LYS A 537 -17.55 23.64 -6.53
C LYS A 537 -16.93 22.76 -5.44
N VAL A 538 -17.21 21.46 -5.49
CA VAL A 538 -16.63 20.52 -4.54
C VAL A 538 -15.10 20.54 -4.60
N LYS A 539 -14.54 20.56 -5.81
CA LYS A 539 -13.08 20.62 -5.96
C LYS A 539 -12.52 21.92 -5.39
N GLN A 540 -13.17 23.03 -5.70
CA GLN A 540 -12.73 24.31 -5.19
C GLN A 540 -12.76 24.35 -3.67
N GLU A 541 -13.81 23.79 -3.08
CA GLU A 541 -13.92 23.69 -1.61
C GLU A 541 -12.77 22.86 -1.04
N ASN A 542 -12.50 21.72 -1.66
CA ASN A 542 -11.41 20.85 -1.21
C ASN A 542 -10.07 21.57 -1.27
N LYS A 543 -9.84 22.32 -2.34
CA LYS A 543 -8.61 23.07 -2.52
C LYS A 543 -8.46 24.20 -1.48
N LEU A 544 -9.55 24.89 -1.19
CA LEU A 544 -9.55 25.93 -0.16
C LEU A 544 -9.23 25.33 1.20
N LYS A 545 -9.91 24.23 1.53
CA LYS A 545 -9.67 23.53 2.79
C LYS A 545 -8.21 23.08 2.92
N PHE A 546 -7.64 22.54 1.84
CA PHE A 546 -6.24 22.08 1.87
C PHE A 546 -5.25 23.25 1.94
N ALA A 547 -5.56 24.33 1.22
CA ALA A 547 -4.75 25.53 1.26
C ALA A 547 -4.70 26.13 2.67
N ALA A 548 -5.82 26.03 3.38
CA ALA A 548 -5.90 26.47 4.77
C ALA A 548 -5.05 25.57 5.67
N TYR A 549 -5.19 24.25 5.49
CA TYR A 549 -4.40 23.27 6.24
C TYR A 549 -2.90 23.55 6.13
N LEU A 550 -2.46 23.90 4.91
CA LEU A 550 -1.07 24.24 4.67
C LEU A 550 -0.62 25.45 5.50
N GLU A 551 -1.45 26.49 5.55
CA GLU A 551 -1.12 27.70 6.35
C GLU A 551 -1.16 27.43 7.85
N ARG A 552 -2.13 26.64 8.32
CA ARG A 552 -2.27 26.36 9.74
C ARG A 552 -1.14 25.47 10.27
N GLU A 553 -1.04 24.25 9.75
CA GLU A 553 -0.10 23.26 10.28
C GLU A 553 1.33 23.38 9.73
N TYR A 554 1.53 24.16 8.67
CA TYR A 554 2.87 24.35 8.09
C TYR A 554 3.22 25.79 7.68
N LYS A 555 2.34 26.75 8.00
CA LYS A 555 2.60 28.18 7.74
C LYS A 555 3.14 28.48 6.33
N VAL A 556 2.59 27.80 5.33
CA VAL A 556 2.99 28.01 3.93
C VAL A 556 1.80 28.52 3.12
N HIS A 557 2.08 29.46 2.21
CA HIS A 557 1.05 30.24 1.53
C HIS A 557 0.93 29.83 0.05
N ILE A 558 -0.29 29.54 -0.40
CA ILE A 558 -0.53 29.15 -1.79
C ILE A 558 -1.78 29.76 -2.40
N ASN A 559 -1.81 29.87 -3.73
CA ASN A 559 -2.95 30.40 -4.47
C ASN A 559 -3.96 29.28 -4.77
N PRO A 560 -5.16 29.34 -4.15
CA PRO A 560 -6.15 28.26 -4.35
C PRO A 560 -6.79 28.24 -5.75
N ASN A 561 -6.56 29.27 -6.55
CA ASN A 561 -7.06 29.31 -7.93
C ASN A 561 -6.12 28.64 -8.92
N SER A 562 -4.90 28.35 -8.49
CA SER A 562 -3.92 27.70 -9.36
C SER A 562 -4.28 26.24 -9.58
N LEU A 563 -3.71 25.67 -10.63
CA LEU A 563 -3.84 24.25 -10.91
C LEU A 563 -2.99 23.50 -9.86
N PHE A 564 -3.61 22.59 -9.14
CA PHE A 564 -2.92 21.78 -8.12
C PHE A 564 -2.32 20.54 -8.77
N ASP A 565 -1.01 20.58 -8.96
CA ASP A 565 -0.24 19.59 -9.70
C ASP A 565 0.48 18.75 -8.66
N VAL A 566 0.03 17.51 -8.48
CA VAL A 566 0.41 16.69 -7.33
C VAL A 566 1.07 15.38 -7.72
N GLN A 567 2.24 15.13 -7.15
CA GLN A 567 2.88 13.82 -7.22
C GLN A 567 3.22 13.35 -5.82
N VAL A 568 2.41 12.46 -5.28
CA VAL A 568 2.63 11.90 -3.95
C VAL A 568 2.71 10.38 -4.04
N LYS A 569 3.81 9.86 -3.51
CA LYS A 569 4.17 8.45 -3.60
C LYS A 569 5.59 8.38 -3.02
N ARG A 570 6.06 7.18 -2.76
CA ARG A 570 7.43 7.02 -2.25
C ARG A 570 8.42 7.60 -3.25
N ILE A 571 9.52 8.15 -2.74
CA ILE A 571 10.56 8.70 -3.60
C ILE A 571 11.39 7.53 -4.15
N HIS A 572 11.44 7.42 -5.47
CA HIS A 572 12.20 6.36 -6.12
C HIS A 572 12.57 6.82 -7.52
N GLU A 573 13.73 6.40 -8.00
CA GLU A 573 14.13 6.71 -9.37
C GLU A 573 13.11 6.27 -10.40
N TYR A 574 12.52 5.08 -10.23
CA TYR A 574 11.60 4.56 -11.26
C TYR A 574 10.31 5.37 -11.36
N LYS A 575 9.93 6.00 -10.26
CA LYS A 575 8.73 6.84 -10.22
C LYS A 575 8.97 8.21 -10.86
N ARG A 576 10.24 8.57 -11.02
CA ARG A 576 10.66 9.73 -11.80
C ARG A 576 10.11 11.07 -11.32
N GLN A 577 10.16 11.28 -10.01
CA GLN A 577 10.04 12.62 -9.44
C GLN A 577 11.01 13.58 -10.14
N LEU A 578 12.17 13.07 -10.57
CA LEU A 578 13.15 13.88 -11.30
C LEU A 578 12.62 14.44 -12.62
N LEU A 579 11.80 13.67 -13.32
CA LEU A 579 11.22 14.13 -14.57
C LEU A 579 10.27 15.30 -14.29
N ASN A 580 9.49 15.19 -13.21
CA ASN A 580 8.64 16.29 -12.76
C ASN A 580 9.48 17.51 -12.43
N CYS A 581 10.58 17.32 -11.70
CA CYS A 581 11.52 18.40 -11.40
C CYS A 581 11.99 19.12 -12.65
N LEU A 582 12.33 18.36 -13.69
CA LEU A 582 12.78 18.95 -14.95
C LEU A 582 11.71 19.82 -15.56
N HIS A 583 10.46 19.35 -15.52
CA HIS A 583 9.35 20.17 -16.01
C HIS A 583 9.20 21.47 -15.21
N VAL A 584 9.27 21.36 -13.88
CA VAL A 584 9.15 22.53 -13.01
C VAL A 584 10.19 23.58 -13.36
N ILE A 585 11.42 23.15 -13.55
CA ILE A 585 12.52 24.07 -13.90
C ILE A 585 12.31 24.65 -15.30
N THR A 586 11.73 23.85 -16.20
CA THR A 586 11.39 24.32 -17.54
C THR A 586 10.38 25.47 -17.48
N LEU A 587 9.31 25.27 -16.71
CA LEU A 587 8.30 26.31 -16.48
C LEU A 587 8.91 27.58 -15.91
N TYR A 588 9.78 27.42 -14.91
CA TYR A 588 10.45 28.55 -14.27
C TYR A 588 11.33 29.31 -15.28
N ASN A 589 12.13 28.57 -16.05
CA ASN A 589 12.99 29.18 -17.05
C ASN A 589 12.20 29.92 -18.14
N ARG A 590 11.09 29.34 -18.57
CA ARG A 590 10.20 29.99 -19.55
C ARG A 590 9.60 31.28 -19.02
N ILE A 591 9.21 31.29 -17.75
CA ILE A 591 8.70 32.49 -17.11
C ILE A 591 9.79 33.56 -17.05
N LYS A 592 11.00 33.16 -16.66
CA LYS A 592 12.12 34.11 -16.57
C LYS A 592 12.53 34.70 -17.92
N LYS A 593 12.31 33.94 -19.00
CA LYS A 593 12.63 34.40 -20.35
C LYS A 593 11.56 35.35 -20.89
N GLU A 594 10.29 35.09 -20.56
CA GLU A 594 9.15 35.91 -21.00
C GLU A 594 8.24 36.19 -19.82
N PRO A 595 8.69 37.05 -18.90
CA PRO A 595 7.97 37.24 -17.62
C PRO A 595 6.58 37.85 -17.78
N ASN A 596 6.36 38.65 -18.81
CA ASN A 596 5.08 39.35 -18.98
C ASN A 596 4.08 38.60 -19.83
N LYS A 597 4.42 37.36 -20.20
CA LYS A 597 3.49 36.48 -20.90
C LYS A 597 2.64 35.74 -19.88
N PHE A 598 1.38 35.49 -20.22
CA PHE A 598 0.49 34.75 -19.33
C PHE A 598 0.80 33.26 -19.36
N VAL A 599 0.85 32.66 -18.17
CA VAL A 599 0.89 31.20 -18.02
C VAL A 599 -0.15 30.78 -17.00
N VAL A 600 -0.69 29.59 -17.16
CA VAL A 600 -1.67 29.08 -16.20
C VAL A 600 -0.95 28.87 -14.87
N PRO A 601 -1.44 29.49 -13.79
CA PRO A 601 -0.77 29.32 -12.51
C PRO A 601 -0.82 27.89 -12.01
N ARG A 602 0.27 27.44 -11.41
CA ARG A 602 0.34 26.09 -10.84
C ARG A 602 0.90 26.11 -9.45
N THR A 603 0.35 25.24 -8.62
CA THR A 603 1.01 24.84 -7.39
C THR A 603 1.44 23.40 -7.60
N VAL A 604 2.75 23.19 -7.70
CA VAL A 604 3.32 21.86 -7.88
C VAL A 604 3.65 21.32 -6.51
N MET A 605 3.00 20.21 -6.15
CA MET A 605 3.20 19.58 -4.85
C MET A 605 3.79 18.19 -5.06
N ILE A 606 4.92 17.94 -4.39
CA ILE A 606 5.57 16.65 -4.42
C ILE A 606 5.77 16.21 -2.98
N GLY A 607 5.43 14.96 -2.69
CA GLY A 607 5.65 14.43 -1.35
C GLY A 607 5.89 12.95 -1.39
N GLY A 608 6.53 12.45 -0.34
CA GLY A 608 6.83 11.03 -0.22
C GLY A 608 8.08 10.82 0.59
N LYS A 609 8.19 9.65 1.17
CA LYS A 609 9.36 9.31 1.96
C LYS A 609 10.40 8.57 1.11
N ALA A 610 11.66 8.80 1.46
CA ALA A 610 12.77 8.04 0.90
C ALA A 610 13.19 6.98 1.92
N ALA A 611 13.50 5.78 1.44
CA ALA A 611 14.10 4.77 2.31
C ALA A 611 15.38 5.36 2.90
N PRO A 612 15.62 5.16 4.21
CA PRO A 612 16.74 5.83 4.87
C PRO A 612 18.12 5.61 4.24
N GLY A 613 18.37 4.42 3.70
CA GLY A 613 19.65 4.14 3.05
C GLY A 613 19.74 4.45 1.56
N TYR A 614 18.69 5.04 1.01
CA TYR A 614 18.60 5.28 -0.43
C TYR A 614 19.11 6.68 -0.74
N HIS A 615 20.41 6.78 -1.01
CA HIS A 615 21.08 8.07 -1.16
C HIS A 615 20.45 8.92 -2.26
N MET A 616 20.25 8.36 -3.44
CA MET A 616 19.73 9.11 -4.58
C MET A 616 18.33 9.67 -4.28
N ALA A 617 17.50 8.88 -3.60
CA ALA A 617 16.16 9.34 -3.23
C ALA A 617 16.24 10.53 -2.28
N LYS A 618 17.18 10.49 -1.34
CA LYS A 618 17.37 11.61 -0.43
C LYS A 618 17.90 12.84 -1.16
N MET A 619 18.74 12.63 -2.18
CA MET A 619 19.22 13.74 -3.01
C MET A 619 18.09 14.38 -3.81
N ILE A 620 17.14 13.56 -4.27
CA ILE A 620 15.98 14.04 -5.00
C ILE A 620 15.09 14.92 -4.12
N ILE A 621 14.89 14.52 -2.86
CA ILE A 621 14.13 15.34 -1.92
C ILE A 621 14.80 16.71 -1.75
N LYS A 622 16.12 16.70 -1.56
CA LYS A 622 16.89 17.93 -1.41
C LYS A 622 16.78 18.81 -2.65
N LEU A 623 16.84 18.20 -3.83
CA LEU A 623 16.66 18.95 -5.08
C LEU A 623 15.28 19.64 -5.14
N ILE A 624 14.22 18.92 -4.76
CA ILE A 624 12.87 19.47 -4.81
C ILE A 624 12.73 20.69 -3.90
N THR A 625 13.29 20.60 -2.70
CA THR A 625 13.23 21.70 -1.75
C THR A 625 14.10 22.88 -2.24
N ALA A 626 15.23 22.56 -2.86
CA ALA A 626 16.14 23.57 -3.39
C ALA A 626 15.52 24.34 -4.57
N ILE A 627 14.76 23.65 -5.40
CA ILE A 627 13.99 24.28 -6.47
C ILE A 627 12.92 25.20 -5.87
N GLY A 628 12.19 24.69 -4.88
CA GLY A 628 11.23 25.50 -4.14
C GLY A 628 11.84 26.78 -3.59
N ASP A 629 13.02 26.65 -2.98
CA ASP A 629 13.72 27.81 -2.41
C ASP A 629 13.97 28.90 -3.44
N VAL A 630 14.33 28.52 -4.66
CA VAL A 630 14.56 29.48 -5.73
C VAL A 630 13.26 30.01 -6.30
N VAL A 631 12.39 29.10 -6.73
CA VAL A 631 11.15 29.48 -7.42
C VAL A 631 10.21 30.30 -6.53
N ASN A 632 10.03 29.88 -5.28
CA ASN A 632 9.04 30.49 -4.39
C ASN A 632 9.44 31.87 -3.88
N HIS A 633 10.71 32.26 -4.07
CA HIS A 633 11.18 33.56 -3.60
C HIS A 633 11.57 34.51 -4.72
N ASP A 634 11.37 34.09 -5.97
CA ASP A 634 11.65 34.93 -7.13
C ASP A 634 10.47 35.89 -7.35
N PRO A 635 10.70 37.21 -7.18
CA PRO A 635 9.61 38.18 -7.29
C PRO A 635 8.94 38.20 -8.67
N VAL A 636 9.72 37.91 -9.71
CA VAL A 636 9.20 37.94 -11.08
C VAL A 636 8.19 36.81 -11.33
N VAL A 637 8.37 35.68 -10.64
CA VAL A 637 7.45 34.56 -10.77
C VAL A 637 6.11 34.91 -10.14
N GLY A 638 6.15 35.53 -8.96
CA GLY A 638 4.93 35.91 -8.24
C GLY A 638 4.24 34.68 -7.71
N ASP A 639 2.92 34.64 -7.80
CA ASP A 639 2.14 33.45 -7.43
C ASP A 639 1.71 32.64 -8.66
N ARG A 640 2.50 32.73 -9.72
CA ARG A 640 2.23 31.95 -10.94
C ARG A 640 2.80 30.54 -10.86
N LEU A 641 3.86 30.36 -10.09
CA LEU A 641 4.47 29.04 -9.90
C LEU A 641 4.93 28.90 -8.46
N ARG A 642 4.44 27.85 -7.80
CA ARG A 642 4.85 27.51 -6.44
C ARG A 642 5.21 26.04 -6.39
N VAL A 643 6.31 25.74 -5.71
CA VAL A 643 6.79 24.36 -5.56
C VAL A 643 6.87 24.03 -4.09
N ILE A 644 6.08 23.07 -3.65
CA ILE A 644 5.99 22.71 -2.24
C ILE A 644 6.28 21.23 -2.07
N PHE A 645 7.14 20.92 -1.10
CA PHE A 645 7.37 19.54 -0.73
C PHE A 645 6.47 19.20 0.44
N LEU A 646 5.57 18.24 0.23
CA LEU A 646 4.64 17.85 1.27
C LEU A 646 5.32 16.88 2.23
N GLU A 647 5.59 17.38 3.43
CA GLU A 647 6.32 16.65 4.46
C GLU A 647 5.47 15.52 5.05
N ASN A 648 6.12 14.39 5.31
CA ASN A 648 5.54 13.26 6.04
C ASN A 648 4.30 12.66 5.37
N TYR A 649 4.39 12.45 4.06
CA TYR A 649 3.30 11.85 3.30
C TYR A 649 2.98 10.47 3.87
N ARG A 650 1.70 10.26 4.12
CA ARG A 650 1.20 9.07 4.79
C ARG A 650 -0.29 8.99 4.48
N VAL A 651 -0.96 7.96 4.97
CA VAL A 651 -2.37 7.75 4.61
C VAL A 651 -3.25 8.93 5.01
N SER A 652 -3.07 9.45 6.22
CA SER A 652 -3.90 10.57 6.67
C SER A 652 -3.68 11.84 5.82
N LEU A 653 -2.45 12.04 5.33
CA LEU A 653 -2.17 13.18 4.46
C LEU A 653 -2.73 12.94 3.06
N ALA A 654 -2.67 11.71 2.59
CA ALA A 654 -3.27 11.36 1.30
C ALA A 654 -4.76 11.67 1.27
N GLU A 655 -5.43 11.42 2.40
CA GLU A 655 -6.85 11.69 2.53
C GLU A 655 -7.19 13.17 2.41
N LYS A 656 -6.22 14.04 2.71
CA LYS A 656 -6.40 15.48 2.59
C LYS A 656 -6.02 16.01 1.20
N VAL A 657 -4.86 15.61 0.70
CA VAL A 657 -4.34 16.17 -0.56
C VAL A 657 -5.01 15.62 -1.82
N ILE A 658 -5.39 14.34 -1.82
CA ILE A 658 -5.92 13.73 -3.04
C ILE A 658 -7.26 14.38 -3.48
N PRO A 659 -8.20 14.61 -2.54
CA PRO A 659 -9.42 15.36 -2.91
C PRO A 659 -9.17 16.77 -3.43
N ALA A 660 -8.05 17.37 -3.06
CA ALA A 660 -7.70 18.72 -3.47
C ALA A 660 -7.01 18.81 -4.83
N ALA A 661 -6.60 17.68 -5.41
CA ALA A 661 -5.75 17.70 -6.60
C ALA A 661 -6.52 17.91 -7.89
N ASP A 662 -5.92 18.66 -8.81
CA ASP A 662 -6.43 18.82 -10.17
C ASP A 662 -5.74 17.85 -11.13
N LEU A 663 -4.43 17.69 -10.97
CA LEU A 663 -3.62 16.86 -11.86
C LEU A 663 -2.83 15.82 -11.08
N SER A 664 -2.96 14.57 -11.51
CA SER A 664 -2.30 13.42 -10.91
C SER A 664 -1.11 13.01 -11.78
N GLU A 665 0.08 13.04 -11.17
CA GLU A 665 1.32 12.70 -11.87
C GLU A 665 1.63 11.22 -11.66
N GLN A 666 1.52 10.46 -12.74
CA GLN A 666 1.75 9.02 -12.70
C GLN A 666 2.71 8.68 -13.84
N ILE A 667 3.98 8.98 -13.61
CA ILE A 667 4.95 9.18 -14.69
C ILE A 667 6.15 8.24 -14.62
N SER A 668 5.92 7.05 -14.08
CA SER A 668 6.92 6.01 -14.03
C SER A 668 7.34 5.59 -15.45
N THR A 669 8.56 5.12 -15.60
CA THR A 669 9.03 4.60 -16.87
C THR A 669 8.22 3.35 -17.21
N ALA A 670 7.71 3.29 -18.42
CA ALA A 670 6.86 2.17 -18.85
C ALA A 670 7.52 0.83 -18.50
N GLY A 671 6.78 -0.04 -17.84
CA GLY A 671 7.28 -1.36 -17.42
C GLY A 671 7.79 -1.47 -15.99
N THR A 672 7.72 -0.40 -15.22
CA THR A 672 8.34 -0.40 -13.88
C THR A 672 7.32 -0.36 -12.74
N GLU A 673 6.25 0.40 -12.90
CA GLU A 673 5.19 0.45 -11.89
C GLU A 673 4.22 -0.69 -12.15
N ALA A 674 4.28 -1.75 -11.33
CA ALA A 674 3.45 -2.94 -11.55
C ALA A 674 1.97 -2.59 -11.74
N SER A 675 1.45 -1.74 -10.85
CA SER A 675 0.08 -1.27 -10.95
C SER A 675 0.00 0.20 -10.62
N GLY A 676 0.39 0.53 -9.38
CA GLY A 676 0.08 1.81 -8.80
C GLY A 676 -1.32 1.70 -8.24
N THR A 677 -1.58 2.45 -7.17
CA THR A 677 -2.92 2.57 -6.60
C THR A 677 -3.27 4.01 -6.30
N GLY A 678 -2.25 4.84 -6.04
CA GLY A 678 -2.46 6.27 -5.93
C GLY A 678 -3.17 6.80 -7.16
N ASN A 679 -2.78 6.30 -8.33
CA ASN A 679 -3.45 6.68 -9.59
C ASN A 679 -4.98 6.57 -9.52
N MET A 680 -5.45 5.46 -8.97
CA MET A 680 -6.88 5.18 -8.86
C MET A 680 -7.57 6.13 -7.87
N LYS A 681 -6.88 6.44 -6.77
CA LYS A 681 -7.38 7.38 -5.76
C LYS A 681 -7.65 8.74 -6.37
N PHE A 682 -6.72 9.23 -7.18
CA PHE A 682 -6.89 10.53 -7.84
C PHE A 682 -8.03 10.55 -8.85
N MET A 683 -8.14 9.47 -9.63
CA MET A 683 -9.20 9.36 -10.64
C MET A 683 -10.57 9.42 -9.98
N LEU A 684 -10.71 8.77 -8.84
CA LEU A 684 -11.97 8.70 -8.12
C LEU A 684 -12.36 10.05 -7.51
N ASN A 685 -11.36 10.91 -7.26
CA ASN A 685 -11.56 12.16 -6.55
C ASN A 685 -11.50 13.42 -7.40
N GLY A 686 -11.57 13.25 -8.72
CA GLY A 686 -11.82 14.38 -9.62
C GLY A 686 -10.58 15.08 -10.11
N ALA A 687 -9.45 14.36 -10.13
CA ALA A 687 -8.24 14.86 -10.75
C ALA A 687 -8.11 14.21 -12.10
N LEU A 688 -7.52 14.94 -13.04
CA LEU A 688 -7.14 14.36 -14.32
C LEU A 688 -5.72 13.80 -14.17
N THR A 689 -5.39 12.84 -15.02
CA THR A 689 -4.11 12.12 -14.91
C THR A 689 -3.20 12.44 -16.08
N ILE A 690 -1.97 12.82 -15.76
CA ILE A 690 -0.90 12.84 -16.74
C ILE A 690 -0.01 11.64 -16.42
N GLY A 691 0.17 10.77 -17.41
CA GLY A 691 0.89 9.54 -17.14
C GLY A 691 1.35 8.75 -18.34
N THR A 692 2.26 7.83 -18.05
CA THR A 692 2.77 6.89 -19.02
C THR A 692 1.84 5.69 -19.07
N MET A 693 1.99 4.91 -20.12
CA MET A 693 1.23 3.69 -20.28
C MET A 693 1.93 2.61 -19.47
N ASP A 694 1.77 2.70 -18.16
CA ASP A 694 2.43 1.81 -17.23
C ASP A 694 1.44 1.36 -16.16
N GLY A 695 1.63 0.14 -15.68
CA GLY A 695 0.76 -0.40 -14.63
C GLY A 695 -0.70 -0.24 -14.95
N ALA A 696 -1.49 0.16 -13.95
CA ALA A 696 -2.94 0.29 -14.11
C ALA A 696 -3.34 1.54 -14.90
N ASN A 697 -2.40 2.46 -15.16
CA ASN A 697 -2.70 3.62 -16.02
C ASN A 697 -3.28 3.17 -17.36
N VAL A 698 -2.76 2.07 -17.90
CA VAL A 698 -3.25 1.52 -19.16
C VAL A 698 -4.75 1.21 -19.10
N GLU A 699 -5.16 0.54 -18.03
CA GLU A 699 -6.55 0.16 -17.84
C GLU A 699 -7.41 1.36 -17.48
N MET A 700 -6.85 2.32 -16.75
CA MET A 700 -7.58 3.55 -16.45
C MET A 700 -7.91 4.30 -17.73
N ALA A 701 -6.91 4.46 -18.61
CA ALA A 701 -7.11 5.12 -19.90
C ALA A 701 -8.12 4.39 -20.78
N GLU A 702 -8.03 3.07 -20.77
CA GLU A 702 -8.97 2.23 -21.49
C GLU A 702 -10.40 2.40 -21.00
N GLU A 703 -10.58 2.47 -19.67
CA GLU A 703 -11.91 2.67 -19.09
C GLU A 703 -12.47 4.05 -19.40
N ALA A 704 -11.65 5.10 -19.22
CA ALA A 704 -12.13 6.46 -19.40
C ALA A 704 -12.14 6.93 -20.86
N GLY A 705 -11.35 6.26 -21.70
CA GLY A 705 -11.10 6.72 -23.06
C GLY A 705 -9.81 7.50 -23.11
N GLU A 706 -8.93 7.19 -24.06
CA GLU A 706 -7.62 7.83 -24.17
C GLU A 706 -7.74 9.34 -24.37
N GLU A 707 -8.83 9.78 -24.98
CA GLU A 707 -9.09 11.20 -25.18
C GLU A 707 -9.31 11.97 -23.87
N ASN A 708 -9.59 11.24 -22.78
CA ASN A 708 -9.84 11.85 -21.47
C ASN A 708 -8.70 11.63 -20.48
N PHE A 709 -7.54 11.25 -21.03
CA PHE A 709 -6.32 11.03 -20.27
C PHE A 709 -5.17 11.75 -20.94
N PHE A 710 -4.21 12.23 -20.16
CA PHE A 710 -3.04 12.89 -20.72
C PHE A 710 -1.90 11.89 -20.77
N ILE A 711 -1.92 11.07 -21.82
CA ILE A 711 -0.94 10.01 -22.02
C ILE A 711 0.25 10.55 -22.80
N PHE A 712 1.45 10.17 -22.36
CA PHE A 712 2.66 10.56 -23.06
C PHE A 712 3.74 9.48 -22.89
N GLY A 713 4.76 9.59 -23.73
CA GLY A 713 6.01 8.89 -23.49
C GLY A 713 6.12 7.52 -24.10
N MET A 714 7.27 6.92 -23.87
CA MET A 714 7.56 5.59 -24.36
C MET A 714 6.58 4.59 -23.80
N ARG A 715 6.17 3.66 -24.66
CA ARG A 715 5.48 2.46 -24.24
C ARG A 715 6.55 1.43 -23.89
N VAL A 716 6.14 0.34 -23.26
CA VAL A 716 7.05 -0.75 -22.90
C VAL A 716 7.94 -1.16 -24.09
N GLU A 717 7.32 -1.31 -25.26
CA GLU A 717 8.03 -1.72 -26.48
C GLU A 717 9.10 -0.72 -26.91
N ASP A 718 8.82 0.58 -26.70
CA ASP A 718 9.78 1.63 -27.00
C ASP A 718 10.98 1.57 -26.05
N VAL A 719 10.73 1.25 -24.78
CA VAL A 719 11.81 1.12 -23.81
C VAL A 719 12.72 -0.03 -24.21
N ASP A 720 12.12 -1.16 -24.59
CA ASP A 720 12.88 -2.33 -25.05
C ASP A 720 13.75 -2.02 -26.26
N ARG A 721 13.19 -1.32 -27.25
CA ARG A 721 13.95 -0.91 -28.43
C ARG A 721 15.15 -0.04 -28.07
N LEU A 722 14.95 0.91 -27.14
CA LEU A 722 16.02 1.78 -26.69
C LEU A 722 17.12 0.99 -25.96
N ASP A 723 16.70 0.01 -25.14
CA ASP A 723 17.65 -0.87 -24.44
C ASP A 723 18.51 -1.68 -25.41
N GLN A 724 17.89 -2.23 -26.45
CA GLN A 724 18.61 -3.00 -27.47
C GLN A 724 19.68 -2.15 -28.15
N ARG A 725 19.34 -0.90 -28.42
CA ARG A 725 20.21 0.03 -29.10
C ARG A 725 21.24 0.65 -28.16
N GLY A 726 20.89 0.77 -26.89
CA GLY A 726 21.73 1.43 -25.90
C GLY A 726 21.21 2.83 -25.63
N TYR A 727 20.83 3.08 -24.39
CA TYR A 727 20.35 4.40 -24.01
C TYR A 727 21.52 5.36 -23.86
N ASN A 728 21.53 6.40 -24.68
CA ASN A 728 22.56 7.44 -24.62
C ASN A 728 21.90 8.78 -24.28
N ALA A 729 22.01 9.17 -23.01
CA ALA A 729 21.38 10.41 -22.52
C ALA A 729 21.98 11.65 -23.18
N GLN A 730 23.27 11.57 -23.52
CA GLN A 730 23.99 12.68 -24.17
C GLN A 730 23.28 13.19 -25.41
N GLU A 731 22.72 12.26 -26.18
CA GLU A 731 21.99 12.57 -27.40
C GLU A 731 20.85 13.56 -27.14
N TYR A 732 20.10 13.35 -26.06
CA TYR A 732 18.97 14.23 -25.71
C TYR A 732 19.49 15.60 -25.26
N TYR A 733 20.53 15.58 -24.45
CA TYR A 733 21.21 16.81 -24.00
C TYR A 733 21.70 17.64 -25.18
N ASP A 734 22.26 16.97 -26.18
CA ASP A 734 22.79 17.66 -27.37
C ASP A 734 21.69 18.27 -28.24
N ARG A 735 20.52 17.64 -28.28
CA ARG A 735 19.47 18.02 -29.24
C ARG A 735 18.33 18.86 -28.64
N ILE A 736 18.28 18.96 -27.31
CA ILE A 736 17.23 19.74 -26.65
C ILE A 736 17.87 20.87 -25.84
N PRO A 737 17.83 22.11 -26.39
CA PRO A 737 18.43 23.28 -25.71
C PRO A 737 17.87 23.56 -24.31
N GLU A 738 16.56 23.46 -24.15
CA GLU A 738 15.91 23.69 -22.85
C GLU A 738 16.40 22.70 -21.80
N LEU A 739 16.60 21.45 -22.22
CA LEU A 739 17.15 20.43 -21.32
C LEU A 739 18.60 20.70 -20.96
N ARG A 740 19.41 21.11 -21.95
CA ARG A 740 20.81 21.47 -21.72
C ARG A 740 20.94 22.60 -20.70
N GLN A 741 20.09 23.60 -20.82
CA GLN A 741 20.07 24.72 -19.88
C GLN A 741 19.85 24.26 -18.44
N ILE A 742 18.92 23.33 -18.25
CA ILE A 742 18.61 22.84 -16.91
C ILE A 742 19.80 22.08 -16.31
N ILE A 743 20.42 21.22 -17.11
CA ILE A 743 21.55 20.43 -16.63
C ILE A 743 22.72 21.35 -16.28
N GLU A 744 22.94 22.37 -17.09
CA GLU A 744 23.96 23.37 -16.80
C GLU A 744 23.66 24.15 -15.52
N GLN A 745 22.38 24.47 -15.29
CA GLN A 745 21.97 25.13 -14.05
C GLN A 745 22.25 24.27 -12.83
N LEU A 746 21.90 22.99 -12.93
CA LEU A 746 22.15 22.04 -11.84
C LEU A 746 23.63 21.90 -11.55
N SER A 747 24.41 21.69 -12.61
CA SER A 747 25.87 21.48 -12.47
C SER A 747 26.59 22.69 -11.94
N SER A 748 26.15 23.88 -12.35
CA SER A 748 26.86 25.13 -12.04
C SER A 748 26.53 25.71 -10.66
N GLY A 749 25.50 25.17 -10.00
CA GLY A 749 25.16 25.62 -8.66
C GLY A 749 24.08 26.69 -8.60
N PHE A 750 23.26 26.79 -9.64
CA PHE A 750 22.15 27.75 -9.66
C PHE A 750 21.15 27.50 -8.51
N PHE A 751 20.91 26.23 -8.19
CA PHE A 751 19.98 25.85 -7.11
C PHE A 751 20.67 25.50 -5.80
N SER A 752 21.99 25.70 -5.74
CA SER A 752 22.76 25.53 -4.51
C SER A 752 23.98 26.46 -4.54
N PRO A 753 23.75 27.78 -4.38
CA PRO A 753 24.83 28.78 -4.51
C PRO A 753 26.02 28.54 -3.58
N LYS A 754 25.75 28.24 -2.32
CA LYS A 754 26.81 28.02 -1.33
C LYS A 754 27.45 26.63 -1.44
N GLN A 755 26.82 25.73 -2.18
CA GLN A 755 27.34 24.38 -2.41
C GLN A 755 27.22 24.04 -3.90
N PRO A 756 28.10 24.63 -4.74
CA PRO A 756 27.96 24.53 -6.21
C PRO A 756 27.89 23.11 -6.79
N ASP A 757 28.56 22.16 -6.16
CA ASP A 757 28.60 20.79 -6.68
C ASP A 757 27.62 19.84 -5.99
N LEU A 758 26.67 20.39 -5.24
CA LEU A 758 25.77 19.57 -4.41
C LEU A 758 25.03 18.49 -5.20
N PHE A 759 24.56 18.83 -6.39
CA PHE A 759 23.75 17.91 -7.20
C PHE A 759 24.55 17.20 -8.29
N LYS A 760 25.87 17.11 -8.12
CA LYS A 760 26.73 16.47 -9.11
C LYS A 760 26.37 14.99 -9.30
N ASP A 761 26.00 14.32 -8.22
CA ASP A 761 25.57 12.92 -8.27
C ASP A 761 24.33 12.77 -9.14
N ILE A 762 23.39 13.70 -9.02
CA ILE A 762 22.16 13.66 -9.80
C ILE A 762 22.47 13.82 -11.29
N VAL A 763 23.29 14.82 -11.62
CA VAL A 763 23.67 15.09 -13.00
C VAL A 763 24.43 13.90 -13.59
N ASN A 764 25.37 13.36 -12.82
CA ASN A 764 26.15 12.20 -13.26
C ASN A 764 25.24 11.01 -13.56
N MET A 765 24.28 10.77 -12.67
CA MET A 765 23.34 9.66 -12.87
C MET A 765 22.53 9.87 -14.15
N LEU A 766 21.94 11.05 -14.30
CA LEU A 766 21.12 11.36 -15.47
C LEU A 766 21.89 11.23 -16.78
N MET A 767 23.13 11.71 -16.79
CA MET A 767 23.96 11.71 -18.00
C MET A 767 24.60 10.36 -18.33
N HIS A 768 24.90 9.54 -17.33
CA HIS A 768 25.67 8.31 -17.57
C HIS A 768 25.09 6.99 -17.04
N HIS A 769 24.24 7.03 -16.01
CA HIS A 769 23.77 5.79 -15.37
C HIS A 769 22.28 5.81 -15.05
N ASP A 770 21.47 6.34 -15.96
CA ASP A 770 20.03 6.45 -15.72
C ASP A 770 19.29 5.23 -16.22
N ARG A 771 18.96 4.33 -15.31
CA ARG A 771 18.20 3.11 -15.63
C ARG A 771 16.79 3.39 -16.14
N PHE A 772 16.26 4.57 -15.86
CA PHE A 772 14.84 4.85 -16.10
C PHE A 772 14.57 5.95 -17.14
N LYS A 773 15.61 6.33 -17.88
CA LYS A 773 15.46 7.07 -19.14
C LYS A 773 14.64 8.35 -19.00
N VAL A 774 15.01 9.15 -18.02
CA VAL A 774 14.32 10.41 -17.72
C VAL A 774 14.32 11.33 -18.94
N PHE A 775 15.48 11.49 -19.58
CA PHE A 775 15.60 12.38 -20.74
C PHE A 775 14.75 11.92 -21.92
N ALA A 776 14.60 10.61 -22.09
CA ALA A 776 13.89 10.06 -23.24
C ALA A 776 12.41 10.45 -23.29
N ASP A 777 11.81 10.72 -22.14
CA ASP A 777 10.40 11.13 -22.09
C ASP A 777 10.22 12.62 -21.85
N TYR A 778 11.30 13.37 -21.77
CA TYR A 778 11.23 14.78 -21.39
C TYR A 778 10.43 15.64 -22.37
N GLU A 779 10.73 15.55 -23.66
CA GLU A 779 10.06 16.37 -24.67
C GLU A 779 8.56 16.13 -24.71
N GLU A 780 8.17 14.86 -24.80
CA GLU A 780 6.75 14.49 -24.83
C GLU A 780 6.02 14.88 -23.54
N TYR A 781 6.69 14.76 -22.41
CA TYR A 781 6.13 15.14 -21.11
C TYR A 781 5.82 16.64 -21.08
N VAL A 782 6.80 17.45 -21.47
CA VAL A 782 6.63 18.90 -21.49
C VAL A 782 5.50 19.34 -22.44
N LYS A 783 5.46 18.77 -23.64
CA LYS A 783 4.38 19.05 -24.59
C LYS A 783 3.01 18.65 -24.05
N CYS A 784 2.96 17.49 -23.41
CA CYS A 784 1.72 17.01 -22.81
C CYS A 784 1.25 17.94 -21.67
N GLN A 785 2.20 18.41 -20.87
CA GLN A 785 1.91 19.40 -19.82
C GLN A 785 1.34 20.72 -20.36
N GLU A 786 1.73 21.09 -21.57
CA GLU A 786 1.16 22.27 -22.22
C GLU A 786 -0.30 22.03 -22.56
N ARG A 787 -0.63 20.81 -22.98
CA ARG A 787 -2.01 20.46 -23.29
C ARG A 787 -2.87 20.45 -22.03
N VAL A 788 -2.25 20.12 -20.89
CA VAL A 788 -2.94 20.18 -19.60
C VAL A 788 -3.31 21.62 -19.27
N SER A 789 -2.33 22.51 -19.37
CA SER A 789 -2.53 23.93 -19.10
C SER A 789 -3.60 24.54 -20.01
N ALA A 790 -3.58 24.14 -21.28
CA ALA A 790 -4.55 24.63 -22.26
C ALA A 790 -5.96 24.26 -21.85
N LEU A 791 -6.16 23.02 -21.39
CA LEU A 791 -7.49 22.58 -20.99
C LEU A 791 -7.96 23.24 -19.71
N TYR A 792 -7.02 23.50 -18.79
CA TYR A 792 -7.36 24.11 -17.52
C TYR A 792 -7.90 25.54 -17.70
N LYS A 793 -7.49 26.22 -18.78
CA LYS A 793 -8.04 27.54 -19.15
C LYS A 793 -9.53 27.52 -19.49
N ASN A 794 -10.07 26.34 -19.78
CA ASN A 794 -11.50 26.17 -20.07
C ASN A 794 -12.17 25.33 -18.97
N PRO A 795 -12.50 25.95 -17.83
CA PRO A 795 -13.09 25.27 -16.66
C PRO A 795 -14.18 24.27 -17.00
N ARG A 796 -15.10 24.65 -17.89
CA ARG A 796 -16.24 23.80 -18.22
C ARG A 796 -15.81 22.47 -18.84
N GLU A 797 -14.91 22.54 -19.81
CA GLU A 797 -14.44 21.33 -20.50
C GLU A 797 -13.48 20.51 -19.63
N TRP A 798 -12.69 21.19 -18.81
CA TRP A 798 -11.89 20.49 -17.79
C TRP A 798 -12.80 19.63 -16.92
N THR A 799 -13.84 20.25 -16.36
CA THR A 799 -14.77 19.56 -15.49
C THR A 799 -15.53 18.43 -16.19
N ARG A 800 -15.88 18.62 -17.45
CA ARG A 800 -16.55 17.56 -18.21
C ARG A 800 -15.64 16.33 -18.38
N MET A 801 -14.36 16.57 -18.63
CA MET A 801 -13.39 15.48 -18.71
C MET A 801 -13.24 14.78 -17.36
N VAL A 802 -13.25 15.57 -16.28
CA VAL A 802 -13.23 15.02 -14.92
C VAL A 802 -14.43 14.11 -14.70
N ILE A 803 -15.62 14.55 -15.09
CA ILE A 803 -16.82 13.73 -14.91
C ILE A 803 -16.65 12.40 -15.63
N ARG A 804 -16.08 12.44 -16.83
CA ARG A 804 -15.84 11.22 -17.61
C ARG A 804 -14.85 10.27 -16.91
N ASN A 805 -13.90 10.82 -16.16
CA ASN A 805 -12.98 9.98 -15.36
C ASN A 805 -13.69 9.36 -14.14
N ILE A 806 -14.30 10.20 -13.31
CA ILE A 806 -15.01 9.70 -12.12
C ILE A 806 -16.01 8.63 -12.52
N ALA A 807 -16.72 8.88 -13.63
CA ALA A 807 -17.80 8.01 -14.08
C ALA A 807 -17.31 6.62 -14.50
N THR A 808 -16.06 6.52 -14.93
CA THR A 808 -15.50 5.24 -15.39
C THR A 808 -14.45 4.66 -14.42
N SER A 809 -14.45 5.14 -13.18
CA SER A 809 -13.49 4.68 -12.17
C SER A 809 -13.94 3.39 -11.46
N GLY A 810 -15.15 2.93 -11.75
CA GLY A 810 -15.76 1.78 -11.06
C GLY A 810 -14.94 0.51 -11.05
N LYS A 811 -14.28 0.20 -12.16
CA LYS A 811 -13.44 -1.00 -12.26
C LYS A 811 -12.36 -1.08 -11.15
N PHE A 812 -11.96 0.08 -10.64
CA PHE A 812 -10.81 0.15 -9.73
C PHE A 812 -11.18 0.12 -8.27
N SER A 813 -12.39 -0.33 -7.99
CA SER A 813 -12.81 -0.66 -6.64
C SER A 813 -12.18 -1.98 -6.25
N SER A 814 -11.62 -2.02 -5.05
CA SER A 814 -11.06 -3.26 -4.51
C SER A 814 -12.14 -4.31 -4.29
N ASP A 815 -13.42 -3.92 -4.27
CA ASP A 815 -14.51 -4.89 -4.24
C ASP A 815 -14.50 -5.75 -5.50
N ARG A 816 -14.22 -5.12 -6.64
CA ARG A 816 -14.12 -5.86 -7.90
C ARG A 816 -12.91 -6.80 -7.84
N THR A 817 -11.77 -6.27 -7.41
CA THR A 817 -10.54 -7.06 -7.28
C THR A 817 -10.77 -8.29 -6.39
N ILE A 818 -11.33 -8.09 -5.21
CA ILE A 818 -11.52 -9.16 -4.25
C ILE A 818 -12.55 -10.19 -4.75
N ALA A 819 -13.61 -9.73 -5.40
CA ALA A 819 -14.58 -10.64 -6.01
C ALA A 819 -13.88 -11.57 -7.00
N GLN A 820 -12.91 -11.03 -7.75
CA GLN A 820 -12.14 -11.85 -8.69
C GLN A 820 -11.21 -12.83 -8.01
N TYR A 821 -10.49 -12.41 -6.97
CA TYR A 821 -9.70 -13.34 -6.17
C TYR A 821 -10.58 -14.46 -5.62
N ALA A 822 -11.73 -14.07 -5.08
CA ALA A 822 -12.65 -15.02 -4.45
C ALA A 822 -13.09 -16.10 -5.42
N ARG A 823 -13.53 -15.69 -6.61
CA ARG A 823 -14.09 -16.65 -7.57
C ARG A 823 -13.02 -17.45 -8.31
N GLU A 824 -11.93 -16.79 -8.68
CA GLU A 824 -10.93 -17.38 -9.59
C GLU A 824 -9.74 -18.01 -8.87
N ILE A 825 -9.51 -17.66 -7.61
CA ILE A 825 -8.38 -18.21 -6.86
C ILE A 825 -8.83 -18.97 -5.61
N TRP A 826 -9.65 -18.35 -4.77
CA TRP A 826 -9.98 -18.93 -3.46
C TRP A 826 -11.13 -19.94 -3.51
N GLY A 827 -11.98 -19.84 -4.53
CA GLY A 827 -13.11 -20.76 -4.68
C GLY A 827 -14.22 -20.50 -3.69
N VAL A 828 -14.53 -19.22 -3.46
CA VAL A 828 -15.60 -18.81 -2.57
C VAL A 828 -16.42 -17.71 -3.23
N GLU A 829 -17.70 -17.67 -2.90
CA GLU A 829 -18.61 -16.68 -3.47
C GLU A 829 -18.78 -15.52 -2.52
N PRO A 830 -18.55 -14.29 -3.02
CA PRO A 830 -18.84 -13.12 -2.19
C PRO A 830 -20.34 -12.91 -1.96
N SER A 831 -20.68 -12.01 -1.04
CA SER A 831 -22.07 -11.75 -0.70
C SER A 831 -22.23 -10.35 -0.11
N ARG A 832 -23.29 -9.66 -0.51
CA ARG A 832 -23.65 -8.38 0.09
C ARG A 832 -24.82 -8.52 1.07
N GLN A 833 -25.21 -9.76 1.37
CA GLN A 833 -26.26 -10.02 2.35
C GLN A 833 -25.80 -9.59 3.73
N ARG A 834 -26.63 -8.83 4.43
CA ARG A 834 -26.31 -8.33 5.76
C ARG A 834 -26.52 -9.42 6.80
N LEU A 835 -25.70 -9.38 7.86
CA LEU A 835 -25.95 -10.19 9.06
C LEU A 835 -26.87 -9.40 9.98
N PRO A 836 -27.56 -10.09 10.90
CA PRO A 836 -28.44 -9.41 11.86
C PRO A 836 -27.66 -8.53 12.85
N ALA A 837 -28.20 -7.34 13.14
CA ALA A 837 -27.49 -6.34 13.95
C ALA A 837 -27.43 -6.70 15.44
C15 M7C B . 8.64 -4.13 -0.51
C14 M7C B . 9.57 -4.52 0.46
C13 M7C B . 10.58 -5.41 0.12
C12 M7C B . 10.66 -5.91 -1.18
C11 M7C B . 9.72 -5.52 -2.14
C10 M7C B . 8.71 -4.62 -1.83
C9 M7C B . 7.75 -4.25 -2.79
O8 M7C B . 7.51 -5.00 -3.72
N2 M7C B . 7.08 -3.10 -2.58
C8 M7C B . 6.10 -2.74 -3.41
S1 M7C B . 5.55 -3.59 -4.77
N1 M7C B . 5.42 -1.61 -3.21
C7 M7C B . 4.47 -1.37 -4.13
O7 M7C B . 3.80 -0.35 -4.01
C1 M7C B . 4.25 -2.36 -5.12
O5 M7C B . 2.98 -3.03 -4.89
C5 M7C B . 1.79 -2.26 -5.19
C6 M7C B . 0.52 -3.03 -4.85
O6 M7C B . 0.43 -4.14 -5.76
C4 M7C B . 1.82 -1.81 -6.66
O4 M7C B . 0.70 -0.97 -6.96
C3 M7C B . 3.08 -1.02 -6.96
O3 M7C B . 3.13 -0.76 -8.36
C2 M7C B . 4.35 -1.81 -6.55
O2 M7C B . 5.54 -0.98 -6.68
N1 PLP C . 1.50 5.76 0.07
C2 PLP C . 0.32 6.08 0.65
C2A PLP C . 0.30 6.73 2.00
C3 PLP C . -0.94 5.78 -0.07
O3 PLP C . -2.15 6.09 0.48
C4 PLP C . -0.84 5.14 -1.39
C4A PLP C . -2.03 4.78 -2.24
C5 PLP C . 0.52 4.83 -1.90
C6 PLP C . 1.62 5.17 -1.13
C5A PLP C . 0.73 4.20 -3.25
O4P PLP C . 0.79 5.25 -4.20
P PLP C . 1.44 5.02 -5.65
O1P PLP C . 1.32 6.36 -6.30
O2P PLP C . 2.85 4.60 -5.35
O3P PLP C . 0.62 3.94 -6.29
P PO4 D . -10.68 -17.97 17.06
O1 PO4 D . -9.60 -17.32 17.88
O2 PO4 D . -10.32 -19.41 16.79
O3 PO4 D . -10.81 -17.24 15.74
O4 PO4 D . -12.00 -17.92 17.80
#